data_6EP5
#
_entry.id   6EP5
#
_cell.length_a   87.836
_cell.length_b   87.836
_cell.length_c   364.936
_cell.angle_alpha   90.00
_cell.angle_beta   90.00
_cell.angle_gamma   90.00
#
_symmetry.space_group_name_H-M   'P 43 21 2'
#
loop_
_entity.id
_entity.type
_entity.pdbx_description
1 polymer 'Fic family protein'
2 non-polymer "ADENOSINE-5'-DIPHOSPHATE"
3 water water
#
_entity_poly.entity_id   1
_entity_poly.type   'polypeptide(L)'
_entity_poly.pdbx_seq_one_letter_code
;MHHHHHHMLENKLGIINQLELNRVEERVSKENAKRLYDSGDIDRIEVGTFKGLSYIHNYLFEDIYEFAGKVRSQNISKGN
FRFAPVMYLEIALEHIDKMPQRNLDEIVAKYVEMNIAHPFREGNGRATRIWLDLILKKELKRVVDWNLINKEDYLSAMER
SPVKDLEIKYLISNALTDKINDREIFMKGIDISYYYEGYTEYNVDEL
;
_entity_poly.pdbx_strand_id   A,B,C,D,E,F
#
# COMPACT_ATOMS: atom_id res chain seq x y z
N HIS A 6 3.73 13.49 29.00
CA HIS A 6 4.50 12.33 28.56
C HIS A 6 5.99 12.56 28.83
N HIS A 7 6.48 13.75 28.47
CA HIS A 7 7.90 14.08 28.67
C HIS A 7 8.07 14.73 30.06
N MET A 8 8.40 13.90 31.05
CA MET A 8 8.43 14.37 32.43
C MET A 8 9.48 15.44 32.67
N LEU A 9 10.58 15.43 31.91
CA LEU A 9 11.65 16.39 32.15
C LEU A 9 11.32 17.77 31.60
N GLU A 10 10.29 17.91 30.77
CA GLU A 10 10.01 19.18 30.13
C GLU A 10 9.73 20.27 31.18
N ASN A 11 8.72 20.05 32.03
CA ASN A 11 8.35 21.05 33.02
C ASN A 11 9.37 21.15 34.16
N LYS A 12 10.12 20.08 34.43
CA LYS A 12 11.02 20.07 35.57
C LYS A 12 12.34 20.78 35.30
N LEU A 13 12.85 20.68 34.07
CA LEU A 13 14.07 21.36 33.66
C LEU A 13 13.81 22.66 32.95
N GLY A 14 12.57 22.94 32.59
CA GLY A 14 12.23 24.19 31.91
C GLY A 14 12.63 24.22 30.46
N ILE A 15 12.48 23.11 29.74
CA ILE A 15 12.94 23.01 28.37
C ILE A 15 11.78 23.27 27.42
N ILE A 16 11.98 24.20 26.48
CA ILE A 16 10.98 24.53 25.47
C ILE A 16 11.53 24.30 24.07
N ASN A 17 12.66 23.61 23.95
CA ASN A 17 13.32 23.38 22.67
C ASN A 17 13.39 21.87 22.43
N GLN A 18 12.96 21.43 21.23
CA GLN A 18 12.88 19.99 20.97
C GLN A 18 14.26 19.33 21.03
N LEU A 19 15.28 19.99 20.47
CA LEU A 19 16.62 19.41 20.47
C LEU A 19 17.18 19.31 21.88
N GLU A 20 16.97 20.34 22.71
CA GLU A 20 17.48 20.28 24.09
C GLU A 20 16.79 19.19 24.89
N LEU A 21 15.47 19.03 24.71
CA LEU A 21 14.77 17.94 25.35
C LEU A 21 15.30 16.59 24.88
N ASN A 22 15.56 16.46 23.57
CA ASN A 22 16.13 15.23 23.00
C ASN A 22 17.46 14.88 23.67
N ARG A 23 18.32 15.88 23.88
CA ARG A 23 19.65 15.60 24.44
C ARG A 23 19.56 15.12 25.89
N VAL A 24 18.72 15.78 26.71
CA VAL A 24 18.64 15.42 28.12
C VAL A 24 18.06 14.02 28.30
N GLU A 25 17.03 13.70 27.52
CA GLU A 25 16.45 12.36 27.61
C GLU A 25 17.45 11.31 27.17
N GLU A 26 18.30 11.63 26.19
CA GLU A 26 19.38 10.71 25.83
C GLU A 26 20.32 10.53 27.00
N ARG A 27 20.72 11.63 27.64
CA ARG A 27 21.74 11.53 28.69
C ARG A 27 21.24 10.69 29.86
N VAL A 28 20.05 11.02 30.36
CA VAL A 28 19.54 10.31 31.54
C VAL A 28 19.30 8.84 31.22
N SER A 29 18.73 8.53 30.04
CA SER A 29 18.44 7.13 29.77
C SER A 29 19.70 6.34 29.47
N LYS A 30 20.71 6.95 28.82
CA LYS A 30 21.96 6.22 28.62
C LYS A 30 22.68 5.97 29.95
N GLU A 31 22.58 6.92 30.89
CA GLU A 31 23.10 6.67 32.24
C GLU A 31 22.45 5.43 32.84
N ASN A 32 21.12 5.32 32.72
CA ASN A 32 20.43 4.14 33.23
C ASN A 32 20.86 2.90 32.47
N ALA A 33 21.03 3.00 31.15
CA ALA A 33 21.44 1.84 30.37
C ALA A 33 22.80 1.32 30.80
N LYS A 34 23.75 2.22 31.03
CA LYS A 34 25.07 1.81 31.52
C LYS A 34 24.95 1.07 32.85
N ARG A 35 24.15 1.61 33.78
CA ARG A 35 23.99 0.99 35.09
C ARG A 35 23.32 -0.37 35.00
N LEU A 36 22.32 -0.49 34.12
CA LEU A 36 21.70 -1.79 33.85
C LEU A 36 22.74 -2.88 33.61
N TYR A 37 23.76 -2.59 32.79
CA TYR A 37 24.75 -3.61 32.48
C TYR A 37 25.76 -3.78 33.61
N ASP A 38 26.34 -2.67 34.08
CA ASP A 38 27.45 -2.75 35.03
C ASP A 38 27.01 -3.30 36.39
N SER A 39 25.79 -2.99 36.82
CA SER A 39 25.25 -3.55 38.06
C SER A 39 24.96 -5.05 37.96
N GLY A 40 24.99 -5.63 36.76
CA GLY A 40 24.52 -6.98 36.58
C GLY A 40 23.01 -7.16 36.65
N ASP A 41 22.25 -6.09 36.89
CA ASP A 41 20.78 -6.18 36.86
C ASP A 41 20.26 -6.76 35.55
N ILE A 42 20.97 -6.50 34.43
CA ILE A 42 20.52 -6.99 33.13
C ILE A 42 20.43 -8.52 33.12
N ASP A 43 21.25 -9.20 33.93
CA ASP A 43 21.28 -10.65 33.92
C ASP A 43 20.18 -11.29 34.76
N ARG A 44 19.45 -10.51 35.55
CA ARG A 44 18.40 -11.08 36.40
C ARG A 44 17.00 -10.76 35.89
N ILE A 45 16.89 -10.33 34.65
CA ILE A 45 15.63 -10.01 33.99
C ILE A 45 15.11 -11.26 33.30
N GLU A 46 13.79 -11.48 33.35
CA GLU A 46 13.16 -12.55 32.60
C GLU A 46 13.43 -12.35 31.11
N VAL A 47 13.87 -13.41 30.44
CA VAL A 47 14.29 -13.36 29.04
C VAL A 47 13.10 -13.68 28.14
N GLY A 48 12.89 -12.85 27.10
CA GLY A 48 11.91 -13.17 26.08
C GLY A 48 10.46 -13.05 26.46
N THR A 49 10.12 -12.27 27.50
CA THR A 49 8.73 -12.04 27.90
C THR A 49 8.46 -10.55 27.98
N PHE A 50 7.17 -10.18 27.93
CA PHE A 50 6.82 -8.78 28.09
C PHE A 50 7.11 -8.29 29.51
N LYS A 51 7.10 -9.20 30.49
CA LYS A 51 7.49 -8.80 31.84
C LYS A 51 8.95 -8.36 31.85
N GLY A 52 9.81 -9.07 31.13
CA GLY A 52 11.19 -8.63 31.00
C GLY A 52 11.33 -7.35 30.21
N LEU A 53 10.55 -7.20 29.13
CA LEU A 53 10.60 -5.98 28.32
C LEU A 53 10.13 -4.77 29.11
N SER A 54 9.05 -4.93 29.87
CA SER A 54 8.54 -3.85 30.70
C SER A 54 9.58 -3.38 31.70
N TYR A 55 10.33 -4.33 32.28
CA TYR A 55 11.38 -3.97 33.24
C TYR A 55 12.49 -3.17 32.56
N ILE A 56 12.98 -3.65 31.41
CA ILE A 56 13.99 -2.90 30.65
C ILE A 56 13.49 -1.48 30.38
N HIS A 57 12.26 -1.37 29.87
CA HIS A 57 11.70 -0.06 29.53
C HIS A 57 11.60 0.83 30.75
N ASN A 58 11.13 0.29 31.88
CA ASN A 58 11.05 1.12 33.08
C ASN A 58 12.45 1.49 33.60
N TYR A 59 13.38 0.53 33.52
CA TYR A 59 14.76 0.81 33.92
C TYR A 59 15.35 1.96 33.12
N LEU A 60 15.10 1.98 31.80
CA LEU A 60 15.65 3.04 30.94
C LEU A 60 14.96 4.37 31.18
N PHE A 61 13.62 4.38 31.30
CA PHE A 61 12.87 5.62 31.09
C PHE A 61 12.03 6.09 32.28
N GLU A 62 12.12 5.46 33.44
CA GLU A 62 11.37 6.02 34.57
C GLU A 62 11.95 7.37 34.92
N ASP A 63 11.08 8.31 35.30
CA ASP A 63 11.41 9.72 35.47
C ASP A 63 11.69 10.43 34.15
N ILE A 64 11.56 9.74 33.00
CA ILE A 64 11.65 10.37 31.69
C ILE A 64 10.32 10.30 30.95
N TYR A 65 9.72 9.12 30.85
CA TYR A 65 8.42 8.96 30.21
C TYR A 65 7.39 8.65 31.28
N GLU A 66 6.29 9.40 31.27
CA GLU A 66 5.16 9.03 32.10
C GLU A 66 4.73 7.62 31.73
N PHE A 67 4.52 6.78 32.74
CA PHE A 67 4.08 5.40 32.53
C PHE A 67 5.14 4.53 31.86
N ALA A 68 6.43 4.87 32.03
CA ALA A 68 7.48 3.98 31.58
C ALA A 68 7.24 2.58 32.14
N GLY A 69 7.41 1.57 31.30
CA GLY A 69 7.17 0.20 31.67
C GLY A 69 5.73 -0.27 31.55
N LYS A 70 4.79 0.65 31.26
CA LYS A 70 3.37 0.35 31.17
C LYS A 70 2.89 0.39 29.72
N VAL A 71 1.90 -0.44 29.39
CA VAL A 71 1.34 -0.45 28.04
C VAL A 71 0.69 0.90 27.77
N ARG A 72 0.74 1.31 26.50
CA ARG A 72 0.10 2.54 26.09
C ARG A 72 -1.43 2.37 26.12
N SER A 73 -2.12 3.51 26.15
CA SER A 73 -3.58 3.55 26.09
C SER A 73 -4.08 4.19 24.80
N GLN A 74 -3.18 4.60 23.93
CA GLN A 74 -3.52 5.25 22.69
C GLN A 74 -2.95 4.45 21.52
N ASN A 75 -3.66 4.48 20.39
CA ASN A 75 -3.18 3.84 19.18
C ASN A 75 -2.12 4.72 18.51
N ILE A 76 -1.09 4.09 17.93
CA ILE A 76 0.03 4.81 17.34
C ILE A 76 0.42 4.16 16.01
N SER A 77 1.24 4.87 15.26
CA SER A 77 1.66 4.41 13.95
C SER A 77 3.02 5.01 13.61
N LYS A 78 3.64 4.45 12.58
CA LYS A 78 4.90 4.96 12.07
C LYS A 78 4.87 4.76 10.56
N GLY A 79 5.24 5.79 9.82
CA GLY A 79 5.08 5.72 8.38
C GLY A 79 3.61 5.52 8.04
N ASN A 80 3.32 4.46 7.32
CA ASN A 80 1.93 4.10 7.06
C ASN A 80 1.49 2.87 7.83
N PHE A 81 2.28 2.42 8.80
CA PHE A 81 1.98 1.16 9.51
C PHE A 81 1.27 1.43 10.83
N ARG A 82 0.11 0.81 11.00
CA ARG A 82 -0.65 0.88 12.25
C ARG A 82 -0.20 -0.24 13.19
N PHE A 83 0.33 0.12 14.35
CA PHE A 83 0.75 -0.89 15.30
C PHE A 83 -0.50 -1.52 15.96
N ALA A 84 -0.28 -2.58 16.73
CA ALA A 84 -1.38 -3.34 17.30
C ALA A 84 -2.39 -2.41 18.00
N PRO A 85 -3.69 -2.56 17.72
CA PRO A 85 -4.68 -1.73 18.41
C PRO A 85 -4.66 -1.97 19.91
N VAL A 86 -4.86 -0.91 20.69
CA VAL A 86 -4.86 -1.05 22.14
C VAL A 86 -5.85 -2.11 22.58
N MET A 87 -6.95 -2.26 21.85
CA MET A 87 -8.05 -3.11 22.28
C MET A 87 -7.64 -4.58 22.41
N TYR A 88 -6.69 -5.04 21.61
CA TYR A 88 -6.18 -6.39 21.81
C TYR A 88 -4.67 -6.40 21.99
N LEU A 89 -4.13 -5.29 22.49
CA LEU A 89 -2.72 -5.23 22.83
C LEU A 89 -2.37 -6.30 23.87
N GLU A 90 -3.17 -6.44 24.92
CA GLU A 90 -2.83 -7.42 25.95
C GLU A 90 -2.89 -8.85 25.38
N ILE A 91 -3.84 -9.12 24.50
CA ILE A 91 -3.91 -10.42 23.85
C ILE A 91 -2.66 -10.68 23.02
N ALA A 92 -2.20 -9.68 22.26
CA ALA A 92 -0.99 -9.83 21.46
C ALA A 92 0.22 -10.18 22.32
N LEU A 93 0.34 -9.54 23.49
CA LEU A 93 1.53 -9.73 24.32
C LEU A 93 1.56 -11.12 24.93
N GLU A 94 0.39 -11.67 25.30
CA GLU A 94 0.35 -13.04 25.78
C GLU A 94 0.76 -14.02 24.67
N HIS A 95 0.32 -13.77 23.44
CA HIS A 95 0.77 -14.63 22.34
C HIS A 95 2.28 -14.59 22.19
N ILE A 96 2.87 -13.38 22.24
CA ILE A 96 4.32 -13.28 22.05
C ILE A 96 5.05 -14.01 23.17
N ASP A 97 4.53 -13.94 24.41
CA ASP A 97 5.16 -14.63 25.53
C ASP A 97 5.30 -16.13 25.28
N LYS A 98 4.39 -16.73 24.51
CA LYS A 98 4.42 -18.18 24.28
C LYS A 98 5.14 -18.56 22.99
N MET A 99 5.63 -17.59 22.21
CA MET A 99 6.30 -17.92 20.96
C MET A 99 7.64 -18.60 21.24
N PRO A 100 8.05 -19.56 20.40
CA PRO A 100 9.33 -20.24 20.64
C PRO A 100 10.52 -19.38 20.27
N GLN A 101 11.69 -19.75 20.80
CA GLN A 101 12.89 -18.95 20.56
C GLN A 101 14.13 -19.84 20.47
N ARG A 102 14.02 -20.95 19.73
CA ARG A 102 15.09 -21.94 19.70
C ARG A 102 16.14 -21.68 18.62
N ASN A 103 15.81 -20.95 17.56
CA ASN A 103 16.74 -20.71 16.46
C ASN A 103 16.58 -19.28 15.97
N LEU A 104 17.45 -18.88 15.03
CA LEU A 104 17.40 -17.49 14.59
C LEU A 104 16.08 -17.15 13.89
N ASP A 105 15.57 -18.09 13.09
CA ASP A 105 14.25 -17.88 12.46
C ASP A 105 13.19 -17.55 13.50
N GLU A 106 13.15 -18.34 14.60
CA GLU A 106 12.08 -18.16 15.58
C GLU A 106 12.30 -16.90 16.41
N ILE A 107 13.55 -16.60 16.76
CA ILE A 107 13.85 -15.41 17.54
C ILE A 107 13.54 -14.15 16.73
N VAL A 108 13.94 -14.13 15.44
CA VAL A 108 13.65 -12.94 14.64
C VAL A 108 12.14 -12.74 14.49
N ALA A 109 11.38 -13.83 14.31
CA ALA A 109 9.93 -13.69 14.21
C ALA A 109 9.32 -13.17 15.51
N LYS A 110 9.84 -13.61 16.66
CA LYS A 110 9.33 -13.12 17.94
C LYS A 110 9.66 -11.64 18.12
N TYR A 111 10.85 -11.23 17.71
CA TYR A 111 11.21 -9.82 17.74
C TYR A 111 10.32 -8.99 16.84
N VAL A 112 10.03 -9.50 15.63
CA VAL A 112 9.20 -8.77 14.69
C VAL A 112 7.79 -8.60 15.25
N GLU A 113 7.24 -9.63 15.92
CA GLU A 113 5.91 -9.52 16.50
C GLU A 113 5.88 -8.53 17.66
N MET A 114 6.96 -8.48 18.45
CA MET A 114 7.00 -7.51 19.55
C MET A 114 7.13 -6.08 19.04
N ASN A 115 7.82 -5.88 17.90
CA ASN A 115 7.81 -4.55 17.30
C ASN A 115 6.42 -4.17 16.80
N ILE A 116 5.70 -5.11 16.18
CA ILE A 116 4.33 -4.87 15.73
C ILE A 116 3.43 -4.52 16.91
N ALA A 117 3.54 -5.25 18.02
CA ALA A 117 2.79 -4.89 19.22
C ALA A 117 3.13 -3.47 19.68
N HIS A 118 4.41 -3.09 19.69
CA HIS A 118 4.84 -1.73 19.99
C HIS A 118 4.20 -1.20 21.27
N PRO A 119 4.38 -1.89 22.40
CA PRO A 119 3.44 -1.71 23.53
C PRO A 119 3.53 -0.39 24.29
N PHE A 120 4.66 0.32 24.21
CA PHE A 120 4.84 1.58 24.92
C PHE A 120 4.55 2.77 24.01
N ARG A 121 4.32 3.92 24.64
CA ARG A 121 4.07 5.13 23.86
C ARG A 121 5.31 5.57 23.09
N GLU A 122 6.49 5.43 23.69
CA GLU A 122 7.78 5.77 23.09
C GLU A 122 8.82 4.84 23.69
N GLY A 123 9.98 4.75 23.07
CA GLY A 123 11.03 3.89 23.61
C GLY A 123 10.96 2.42 23.18
N ASN A 124 10.05 2.07 22.28
CA ASN A 124 9.95 0.68 21.84
C ASN A 124 11.22 0.21 21.15
N GLY A 125 11.77 1.03 20.25
CA GLY A 125 12.94 0.60 19.50
C GLY A 125 14.12 0.27 20.39
N ARG A 126 14.48 1.20 21.28
CA ARG A 126 15.69 1.00 22.07
C ARG A 126 15.51 -0.11 23.09
N ALA A 127 14.36 -0.17 23.76
CA ALA A 127 14.13 -1.19 24.79
C ALA A 127 14.02 -2.59 24.21
N THR A 128 13.38 -2.74 23.04
CA THR A 128 13.20 -4.07 22.47
C THR A 128 14.49 -4.65 21.90
N ARG A 129 15.43 -3.79 21.46
CA ARG A 129 16.70 -4.32 20.97
C ARG A 129 17.53 -4.89 22.10
N ILE A 130 17.49 -4.27 23.29
CA ILE A 130 18.16 -4.86 24.44
C ILE A 130 17.52 -6.20 24.76
N TRP A 131 16.19 -6.23 24.75
CA TRP A 131 15.43 -7.45 24.96
C TRP A 131 15.82 -8.53 23.95
N LEU A 132 15.92 -8.14 22.67
CA LEU A 132 16.34 -9.09 21.65
C LEU A 132 17.73 -9.64 21.91
N ASP A 133 18.68 -8.77 22.29
CA ASP A 133 20.03 -9.25 22.54
C ASP A 133 20.04 -10.31 23.64
N LEU A 134 19.16 -10.16 24.64
CA LEU A 134 19.12 -11.12 25.73
C LEU A 134 18.61 -12.48 25.29
N ILE A 135 17.65 -12.52 24.36
CA ILE A 135 17.17 -13.80 23.83
C ILE A 135 18.28 -14.50 23.05
N LEU A 136 18.96 -13.75 22.17
CA LEU A 136 20.02 -14.35 21.36
C LEU A 136 21.15 -14.87 22.25
N LYS A 137 21.49 -14.13 23.30
CA LYS A 137 22.59 -14.53 24.16
C LYS A 137 22.26 -15.83 24.89
N LYS A 138 21.01 -15.97 25.33
CA LYS A 138 20.59 -17.16 26.07
C LYS A 138 20.46 -18.36 25.14
N GLU A 139 19.84 -18.18 23.98
CA GLU A 139 19.46 -19.33 23.16
C GLU A 139 20.50 -19.69 22.11
N LEU A 140 21.28 -18.73 21.64
CA LEU A 140 22.25 -18.97 20.60
C LEU A 140 23.68 -18.70 21.05
N LYS A 141 23.87 -18.19 22.26
CA LYS A 141 25.18 -17.71 22.72
C LYS A 141 25.77 -16.73 21.71
N ARG A 142 24.95 -15.77 21.28
CA ARG A 142 25.35 -14.70 20.38
C ARG A 142 24.64 -13.42 20.81
N VAL A 143 25.25 -12.28 20.50
CA VAL A 143 24.60 -10.98 20.56
C VAL A 143 24.93 -10.25 19.26
N VAL A 144 24.23 -9.13 19.04
CA VAL A 144 24.41 -8.35 17.82
C VAL A 144 25.53 -7.35 18.02
N ASP A 145 26.40 -7.24 17.03
CA ASP A 145 27.37 -6.14 16.92
C ASP A 145 26.70 -5.06 16.07
N TRP A 146 25.98 -4.13 16.72
CA TRP A 146 25.06 -3.26 16.01
C TRP A 146 25.74 -2.31 15.04
N ASN A 147 27.03 -1.98 15.22
CA ASN A 147 27.69 -1.12 14.22
C ASN A 147 27.78 -1.79 12.86
N LEU A 148 27.73 -3.12 12.81
CA LEU A 148 27.73 -3.82 11.54
C LEU A 148 26.37 -3.80 10.83
N ILE A 149 25.34 -3.21 11.43
CA ILE A 149 24.05 -3.03 10.77
C ILE A 149 23.87 -1.54 10.48
N ASN A 150 23.87 -1.20 9.19
CA ASN A 150 23.67 0.18 8.75
C ASN A 150 22.29 0.69 9.19
N LYS A 151 22.25 1.96 9.64
CA LYS A 151 21.03 2.55 10.21
C LYS A 151 19.88 2.47 9.22
N GLU A 152 20.09 2.96 8.00
CA GLU A 152 18.99 3.00 7.05
C GLU A 152 18.58 1.60 6.60
N ASP A 153 19.55 0.69 6.46
CA ASP A 153 19.22 -0.70 6.20
C ASP A 153 18.34 -1.25 7.32
N TYR A 154 18.68 -0.96 8.57
CA TYR A 154 17.91 -1.47 9.69
C TYR A 154 16.48 -0.92 9.67
N LEU A 155 16.33 0.39 9.51
CA LEU A 155 15.01 0.99 9.55
C LEU A 155 14.14 0.52 8.38
N SER A 156 14.72 0.41 7.17
CA SER A 156 14.01 -0.17 6.04
C SER A 156 13.58 -1.59 6.34
N ALA A 157 14.50 -2.41 6.88
CA ALA A 157 14.17 -3.80 7.16
C ALA A 157 13.03 -3.92 8.18
N MET A 158 13.03 -3.06 9.21
CA MET A 158 11.94 -3.07 10.17
C MET A 158 10.61 -2.64 9.53
N GLU A 159 10.65 -1.67 8.62
CA GLU A 159 9.44 -1.27 7.90
C GLU A 159 8.91 -2.44 7.08
N ARG A 160 9.81 -3.20 6.47
CA ARG A 160 9.41 -4.34 5.66
C ARG A 160 8.92 -5.51 6.51
N SER A 161 9.34 -5.56 7.78
CA SER A 161 9.31 -6.81 8.53
C SER A 161 7.91 -7.35 8.85
N PRO A 162 6.83 -6.56 9.00
CA PRO A 162 5.52 -7.20 9.21
C PRO A 162 5.08 -8.03 8.02
N VAL A 163 5.54 -7.70 6.82
CA VAL A 163 5.21 -8.47 5.61
C VAL A 163 6.20 -9.60 5.37
N LYS A 164 7.51 -9.32 5.38
CA LYS A 164 8.51 -10.37 5.26
C LYS A 164 9.74 -9.97 6.09
N ASP A 165 10.18 -10.86 6.98
CA ASP A 165 11.30 -10.54 7.85
C ASP A 165 12.68 -10.98 7.30
N LEU A 166 12.80 -11.24 5.99
CA LEU A 166 14.09 -11.69 5.46
C LEU A 166 15.17 -10.65 5.68
N GLU A 167 14.86 -9.36 5.45
CA GLU A 167 15.91 -8.34 5.52
C GLU A 167 16.49 -8.23 6.92
N ILE A 168 15.64 -8.12 7.93
CA ILE A 168 16.13 -7.97 9.30
C ILE A 168 16.85 -9.24 9.76
N LYS A 169 16.33 -10.41 9.36
CA LYS A 169 17.00 -11.66 9.72
C LYS A 169 18.41 -11.72 9.13
N TYR A 170 18.55 -11.34 7.87
CA TYR A 170 19.85 -11.30 7.22
C TYR A 170 20.80 -10.33 7.92
N LEU A 171 20.33 -9.11 8.19
CA LEU A 171 21.15 -8.13 8.88
C LEU A 171 21.62 -8.64 10.23
N ILE A 172 20.69 -9.16 11.04
CA ILE A 172 21.04 -9.66 12.36
C ILE A 172 22.03 -10.81 12.23
N SER A 173 21.76 -11.75 11.32
CA SER A 173 22.60 -12.95 11.19
C SER A 173 24.05 -12.59 10.90
N ASN A 174 24.27 -11.67 9.97
CA ASN A 174 25.63 -11.28 9.61
C ASN A 174 26.30 -10.39 10.64
N ALA A 175 25.61 -9.96 11.70
CA ALA A 175 26.23 -9.13 12.72
C ALA A 175 26.37 -9.84 14.05
N LEU A 176 25.95 -11.10 14.15
CA LEU A 176 26.10 -11.85 15.38
C LEU A 176 27.57 -12.06 15.72
N THR A 177 27.88 -11.97 17.02
CA THR A 177 29.21 -12.27 17.56
C THR A 177 29.08 -13.17 18.78
N ASP A 178 30.08 -14.02 18.99
CA ASP A 178 30.03 -14.92 20.14
C ASP A 178 30.55 -14.27 21.41
N LYS A 179 30.96 -12.99 21.35
CA LYS A 179 31.53 -12.29 22.50
C LYS A 179 30.41 -11.77 23.40
N ILE A 180 29.64 -12.73 23.95
CA ILE A 180 28.41 -12.40 24.66
C ILE A 180 28.64 -11.83 26.05
N ASN A 181 29.88 -11.84 26.55
CA ASN A 181 30.17 -11.24 27.84
C ASN A 181 31.14 -10.08 27.71
N ASP A 182 31.34 -9.61 26.48
CA ASP A 182 32.23 -8.49 26.20
C ASP A 182 31.46 -7.20 26.47
N ARG A 183 31.89 -6.46 27.50
CA ARG A 183 31.18 -5.25 27.90
C ARG A 183 31.17 -4.20 26.79
N GLU A 184 32.27 -4.09 26.05
CA GLU A 184 32.36 -3.02 25.05
C GLU A 184 31.35 -3.23 23.92
N ILE A 185 31.13 -4.49 23.52
CA ILE A 185 30.13 -4.79 22.50
C ILE A 185 28.76 -4.30 22.94
N PHE A 186 28.37 -4.57 24.19
CA PHE A 186 27.12 -4.02 24.71
C PHE A 186 27.11 -2.50 24.63
N MET A 187 28.17 -1.85 25.11
CA MET A 187 28.16 -0.39 25.21
C MET A 187 28.19 0.24 23.83
N LYS A 188 29.02 -0.29 22.93
CA LYS A 188 29.04 0.24 21.58
C LYS A 188 27.68 0.09 20.92
N GLY A 189 26.99 -1.00 21.24
CA GLY A 189 25.66 -1.24 20.69
C GLY A 189 24.60 -0.30 21.22
N ILE A 190 24.71 0.15 22.48
CA ILE A 190 23.76 1.15 22.99
C ILE A 190 23.89 2.46 22.21
N ASP A 191 25.12 2.93 21.96
CA ASP A 191 25.27 4.17 21.22
C ASP A 191 24.72 4.04 19.80
N ILE A 192 25.00 2.92 19.14
CA ILE A 192 24.49 2.71 17.80
C ILE A 192 22.96 2.62 17.84
N SER A 193 22.43 1.88 18.80
CA SER A 193 20.99 1.72 18.91
C SER A 193 20.30 3.06 19.10
N TYR A 194 20.87 3.94 19.94
CA TYR A 194 20.25 5.25 20.11
C TYR A 194 20.41 6.07 18.83
N TYR A 195 21.55 5.90 18.16
CA TYR A 195 21.79 6.59 16.89
C TYR A 195 20.70 6.27 15.87
N TYR A 196 20.31 4.98 15.76
CA TYR A 196 19.17 4.60 14.91
C TYR A 196 17.95 5.49 15.14
N GLU A 197 17.72 5.89 16.39
CA GLU A 197 16.51 6.62 16.76
C GLU A 197 16.70 8.13 16.75
N GLY A 198 17.87 8.60 16.34
CA GLY A 198 18.12 10.04 16.27
C GLY A 198 18.65 10.68 17.54
N TYR A 199 19.38 9.93 18.36
CA TYR A 199 20.08 10.46 19.54
C TYR A 199 21.56 10.28 19.30
N THR A 200 22.31 11.37 19.17
CA THR A 200 23.73 11.25 18.83
C THR A 200 24.64 12.11 19.70
N GLU A 201 24.15 12.60 20.85
CA GLU A 201 24.91 13.61 21.58
C GLU A 201 26.04 12.99 22.42
N TYR A 202 25.77 11.87 23.08
CA TYR A 202 26.66 11.34 24.11
C TYR A 202 27.21 9.98 23.73
N ASN A 203 28.28 9.59 24.43
CA ASN A 203 28.77 8.23 24.44
C ASN A 203 28.47 7.63 25.81
N VAL A 204 27.81 6.47 25.81
CA VAL A 204 27.34 5.88 27.07
C VAL A 204 28.50 5.69 28.04
N ASP A 205 29.69 5.37 27.52
CA ASP A 205 30.83 5.03 28.38
C ASP A 205 31.40 6.23 29.12
N GLU A 206 31.24 7.44 28.59
CA GLU A 206 31.68 8.65 29.27
C GLU A 206 30.67 9.16 30.31
N LEU A 207 29.50 8.55 30.40
CA LEU A 207 28.52 9.01 31.38
C LEU A 207 28.73 8.25 32.69
N ILE B 16 -20.48 31.40 0.85
CA ILE B 16 -21.17 30.53 -0.11
C ILE B 16 -21.19 29.10 0.44
N ASN B 17 -22.24 28.37 0.04
CA ASN B 17 -22.54 27.04 0.54
C ASN B 17 -22.04 25.99 -0.46
N GLN B 18 -21.31 24.98 0.03
CA GLN B 18 -20.78 23.95 -0.87
C GLN B 18 -21.90 23.27 -1.64
N LEU B 19 -23.00 22.96 -0.95
CA LEU B 19 -24.11 22.24 -1.57
C LEU B 19 -24.73 23.05 -2.70
N GLU B 20 -24.86 24.37 -2.51
CA GLU B 20 -25.46 25.20 -3.53
C GLU B 20 -24.60 25.25 -4.78
N LEU B 21 -23.29 25.38 -4.61
CA LEU B 21 -22.38 25.30 -5.76
C LEU B 21 -22.54 23.96 -6.48
N ASN B 22 -22.67 22.87 -5.72
CA ASN B 22 -22.81 21.54 -6.32
C ASN B 22 -24.09 21.45 -7.14
N ARG B 23 -25.21 21.96 -6.60
CA ARG B 23 -26.50 21.91 -7.30
C ARG B 23 -26.49 22.75 -8.58
N VAL B 24 -25.93 23.96 -8.51
CA VAL B 24 -25.85 24.80 -9.71
C VAL B 24 -25.05 24.09 -10.79
N GLU B 25 -23.88 23.55 -10.42
CA GLU B 25 -23.01 22.87 -11.38
C GLU B 25 -23.72 21.69 -12.03
N GLU B 26 -24.45 20.90 -11.24
CA GLU B 26 -25.26 19.82 -11.82
C GLU B 26 -26.25 20.36 -12.84
N ARG B 27 -27.07 21.34 -12.42
CA ARG B 27 -28.13 21.85 -13.30
C ARG B 27 -27.55 22.44 -14.59
N VAL B 28 -26.54 23.28 -14.47
CA VAL B 28 -25.98 23.93 -15.66
C VAL B 28 -25.28 22.92 -16.56
N SER B 29 -24.51 21.97 -15.99
CA SER B 29 -23.78 21.07 -16.87
C SER B 29 -24.68 19.98 -17.42
N LYS B 30 -25.70 19.52 -16.66
CA LYS B 30 -26.65 18.56 -17.21
C LYS B 30 -27.45 19.16 -18.37
N GLU B 31 -27.85 20.43 -18.26
CA GLU B 31 -28.43 21.12 -19.42
C GLU B 31 -27.52 21.02 -20.63
N ASN B 32 -26.21 21.21 -20.43
CA ASN B 32 -25.26 21.11 -21.53
C ASN B 32 -25.23 19.72 -22.12
N ALA B 33 -25.30 18.69 -21.27
CA ALA B 33 -25.33 17.32 -21.75
C ALA B 33 -26.56 17.05 -22.62
N LYS B 34 -27.72 17.57 -22.21
CA LYS B 34 -28.94 17.39 -23.01
C LYS B 34 -28.77 18.04 -24.38
N ARG B 35 -28.26 19.27 -24.41
CA ARG B 35 -28.05 19.95 -25.68
C ARG B 35 -27.03 19.21 -26.55
N LEU B 36 -25.93 18.72 -25.94
CA LEU B 36 -24.94 17.96 -26.68
C LEU B 36 -25.61 16.82 -27.47
N TYR B 37 -26.55 16.13 -26.85
CA TYR B 37 -27.20 15.00 -27.50
C TYR B 37 -28.30 15.47 -28.44
N ASP B 38 -29.16 16.39 -27.97
CA ASP B 38 -30.33 16.79 -28.75
C ASP B 38 -29.94 17.59 -29.99
N SER B 39 -28.90 18.42 -29.90
CA SER B 39 -28.43 19.20 -31.03
C SER B 39 -27.80 18.35 -32.11
N GLY B 40 -27.50 17.08 -31.83
CA GLY B 40 -26.73 16.27 -32.74
C GLY B 40 -25.24 16.53 -32.73
N ASP B 41 -24.77 17.45 -31.86
CA ASP B 41 -23.33 17.75 -31.81
C ASP B 41 -22.51 16.53 -31.39
N ILE B 42 -23.08 15.67 -30.53
CA ILE B 42 -22.34 14.52 -30.02
C ILE B 42 -21.97 13.56 -31.14
N ASP B 43 -22.76 13.55 -32.21
CA ASP B 43 -22.51 12.67 -33.34
C ASP B 43 -21.39 13.17 -34.25
N ARG B 44 -20.91 14.40 -34.06
CA ARG B 44 -19.95 15.00 -34.97
C ARG B 44 -18.54 15.07 -34.41
N ILE B 45 -18.30 14.56 -33.20
CA ILE B 45 -16.99 14.71 -32.58
C ILE B 45 -16.13 13.49 -32.87
N GLU B 46 -14.82 13.73 -32.96
CA GLU B 46 -13.81 12.69 -33.08
C GLU B 46 -13.98 11.67 -31.96
N VAL B 47 -13.99 10.39 -32.31
CA VAL B 47 -14.24 9.31 -31.37
C VAL B 47 -12.92 8.69 -30.94
N GLY B 48 -12.70 8.60 -29.62
CA GLY B 48 -11.56 7.86 -29.12
C GLY B 48 -10.26 8.61 -29.05
N THR B 49 -10.29 9.95 -29.10
CA THR B 49 -9.09 10.76 -29.02
C THR B 49 -9.24 11.79 -27.92
N PHE B 50 -8.12 12.34 -27.48
CA PHE B 50 -8.20 13.40 -26.50
C PHE B 50 -8.93 14.61 -27.05
N LYS B 51 -8.75 14.91 -28.34
CA LYS B 51 -9.47 16.03 -28.94
C LYS B 51 -10.97 15.87 -28.78
N GLY B 52 -11.48 14.66 -29.03
CA GLY B 52 -12.90 14.41 -28.79
C GLY B 52 -13.30 14.53 -27.33
N LEU B 53 -12.46 14.01 -26.43
CA LEU B 53 -12.77 14.11 -25.01
C LEU B 53 -12.73 15.56 -24.53
N SER B 54 -11.78 16.34 -25.04
CA SER B 54 -11.68 17.75 -24.71
C SER B 54 -12.91 18.53 -25.14
N TYR B 55 -13.44 18.21 -26.33
CA TYR B 55 -14.67 18.85 -26.79
C TYR B 55 -15.82 18.54 -25.85
N ILE B 56 -15.93 17.29 -25.40
CA ILE B 56 -17.00 16.90 -24.48
C ILE B 56 -16.88 17.69 -23.18
N HIS B 57 -15.67 17.75 -22.62
CA HIS B 57 -15.48 18.40 -21.32
C HIS B 57 -15.78 19.89 -21.41
N ASN B 58 -15.31 20.53 -22.48
CA ASN B 58 -15.64 21.94 -22.68
C ASN B 58 -17.14 22.15 -22.86
N TYR B 59 -17.79 21.28 -23.62
CA TYR B 59 -19.23 21.39 -23.84
C TYR B 59 -19.98 21.30 -22.51
N LEU B 60 -19.57 20.38 -21.64
CA LEU B 60 -20.28 20.20 -20.38
C LEU B 60 -20.02 21.34 -19.41
N PHE B 61 -18.76 21.81 -19.33
CA PHE B 61 -18.33 22.62 -18.19
C PHE B 61 -17.86 24.03 -18.57
N GLU B 62 -18.11 24.45 -19.81
CA GLU B 62 -17.69 25.77 -20.28
C GLU B 62 -18.03 26.87 -19.30
N ASP B 63 -19.23 26.83 -18.73
CA ASP B 63 -19.70 27.90 -17.88
C ASP B 63 -19.25 27.76 -16.43
N ILE B 64 -18.71 26.61 -16.04
CA ILE B 64 -18.59 26.22 -14.64
C ILE B 64 -17.14 26.12 -14.21
N TYR B 65 -16.31 25.42 -14.97
CA TYR B 65 -14.91 25.26 -14.65
C TYR B 65 -14.09 26.22 -15.48
N GLU B 66 -13.18 26.94 -14.81
CA GLU B 66 -12.15 27.65 -15.55
C GLU B 66 -11.28 26.64 -16.29
N PHE B 67 -10.89 26.97 -17.51
CA PHE B 67 -10.05 26.10 -18.34
C PHE B 67 -10.75 24.78 -18.69
N ALA B 68 -12.09 24.78 -18.75
CA ALA B 68 -12.82 23.61 -19.22
C ALA B 68 -12.28 23.16 -20.57
N GLY B 69 -12.06 21.86 -20.70
CA GLY B 69 -11.52 21.31 -21.93
C GLY B 69 -10.01 21.41 -22.07
N LYS B 70 -9.33 22.03 -21.11
CA LYS B 70 -7.87 22.18 -21.19
C LYS B 70 -7.19 21.24 -20.20
N VAL B 71 -6.00 20.76 -20.57
CA VAL B 71 -5.25 19.90 -19.67
C VAL B 71 -4.85 20.69 -18.44
N ARG B 72 -4.99 20.07 -17.27
CA ARG B 72 -4.59 20.68 -16.01
C ARG B 72 -3.10 21.04 -16.05
N SER B 73 -2.70 21.92 -15.13
CA SER B 73 -1.30 22.25 -14.92
C SER B 73 -0.81 21.88 -13.53
N GLN B 74 -1.68 21.33 -12.69
CA GLN B 74 -1.34 20.85 -11.36
C GLN B 74 -1.38 19.32 -11.34
N ASN B 75 -0.61 18.72 -10.44
CA ASN B 75 -0.73 17.28 -10.19
C ASN B 75 -1.90 17.02 -9.25
N ILE B 76 -2.62 15.91 -9.49
CA ILE B 76 -3.81 15.60 -8.70
C ILE B 76 -3.79 14.13 -8.27
N SER B 77 -4.54 13.85 -7.20
CA SER B 77 -4.70 12.50 -6.67
C SER B 77 -6.15 12.27 -6.29
N LYS B 78 -6.50 10.99 -6.06
CA LYS B 78 -7.80 10.63 -5.49
C LYS B 78 -7.60 9.38 -4.64
N GLY B 79 -8.16 9.37 -3.44
CA GLY B 79 -7.83 8.28 -2.52
C GLY B 79 -6.32 8.25 -2.32
N ASN B 80 -5.71 7.08 -2.56
CA ASN B 80 -4.25 6.96 -2.48
C ASN B 80 -3.57 7.02 -3.84
N PHE B 81 -4.31 7.29 -4.91
CA PHE B 81 -3.76 7.17 -6.26
C PHE B 81 -3.31 8.54 -6.79
N ARG B 82 -2.07 8.62 -7.22
CA ARG B 82 -1.52 9.80 -7.88
C ARG B 82 -1.64 9.61 -9.39
N PHE B 83 -2.40 10.51 -10.04
CA PHE B 83 -2.65 10.42 -11.49
C PHE B 83 -1.41 10.85 -12.25
N ALA B 84 -1.45 10.69 -13.57
CA ALA B 84 -0.26 10.94 -14.37
C ALA B 84 0.30 12.33 -14.07
N PRO B 85 1.59 12.44 -13.79
CA PRO B 85 2.17 13.77 -13.51
C PRO B 85 2.11 14.67 -14.73
N VAL B 86 1.90 15.97 -14.49
CA VAL B 86 1.65 16.91 -15.59
C VAL B 86 2.74 16.86 -16.66
N MET B 87 3.99 16.62 -16.25
CA MET B 87 5.07 16.66 -17.24
C MET B 87 4.97 15.57 -18.30
N TYR B 88 4.33 14.42 -18.02
CA TYR B 88 4.10 13.41 -19.05
C TYR B 88 2.71 13.47 -19.65
N LEU B 89 1.84 14.37 -19.18
CA LEU B 89 0.44 14.35 -19.58
C LEU B 89 0.30 14.39 -21.10
N GLU B 90 1.05 15.28 -21.74
CA GLU B 90 0.97 15.37 -23.20
C GLU B 90 1.43 14.08 -23.87
N ILE B 91 2.54 13.50 -23.41
CA ILE B 91 3.02 12.27 -24.04
C ILE B 91 2.06 11.11 -23.74
N ALA B 92 1.39 11.13 -22.58
CA ALA B 92 0.46 10.05 -22.25
C ALA B 92 -0.80 10.12 -23.09
N LEU B 93 -1.36 11.32 -23.28
CA LEU B 93 -2.52 11.48 -24.14
C LEU B 93 -2.18 11.11 -25.59
N GLU B 94 -0.95 11.42 -26.03
CA GLU B 94 -0.48 10.99 -27.35
C GLU B 94 -0.46 9.47 -27.46
N HIS B 95 0.01 8.78 -26.42
CA HIS B 95 0.00 7.33 -26.46
C HIS B 95 -1.44 6.81 -26.51
N ILE B 96 -2.32 7.37 -25.70
CA ILE B 96 -3.72 6.90 -25.67
C ILE B 96 -4.35 7.04 -27.05
N ASP B 97 -4.10 8.17 -27.72
CA ASP B 97 -4.64 8.41 -29.06
C ASP B 97 -4.33 7.27 -30.02
N LYS B 98 -3.18 6.62 -29.85
CA LYS B 98 -2.73 5.56 -30.75
C LYS B 98 -3.20 4.18 -30.32
N MET B 99 -3.85 4.05 -29.18
CA MET B 99 -4.19 2.73 -28.66
C MET B 99 -5.33 2.12 -29.47
N PRO B 100 -5.28 0.83 -29.75
CA PRO B 100 -6.36 0.20 -30.52
C PRO B 100 -7.66 0.17 -29.73
N GLN B 101 -8.76 0.00 -30.47
CA GLN B 101 -10.10 -0.01 -29.89
C GLN B 101 -11.02 -0.94 -30.66
N ARG B 102 -10.52 -2.11 -31.04
CA ARG B 102 -11.31 -2.97 -31.92
C ARG B 102 -12.18 -3.98 -31.18
N ASN B 103 -11.86 -4.30 -29.93
CA ASN B 103 -12.70 -5.22 -29.15
C ASN B 103 -12.81 -4.69 -27.72
N LEU B 104 -13.61 -5.38 -26.89
CA LEU B 104 -13.86 -4.90 -25.54
C LEU B 104 -12.58 -4.86 -24.70
N ASP B 105 -11.69 -5.84 -24.87
CA ASP B 105 -10.44 -5.80 -24.12
C ASP B 105 -9.68 -4.52 -24.40
N GLU B 106 -9.55 -4.16 -25.68
CA GLU B 106 -8.77 -3.00 -26.06
C GLU B 106 -9.46 -1.70 -25.66
N ILE B 107 -10.78 -1.64 -25.79
CA ILE B 107 -11.51 -0.44 -25.41
C ILE B 107 -11.37 -0.18 -23.91
N VAL B 108 -11.57 -1.22 -23.10
CA VAL B 108 -11.50 -1.04 -21.66
C VAL B 108 -10.11 -0.62 -21.23
N ALA B 109 -9.07 -1.22 -21.83
CA ALA B 109 -7.71 -0.79 -21.54
C ALA B 109 -7.48 0.67 -21.91
N LYS B 110 -7.98 1.08 -23.06
CA LYS B 110 -7.88 2.48 -23.47
C LYS B 110 -8.60 3.39 -22.48
N TYR B 111 -9.81 3.00 -22.07
CA TYR B 111 -10.56 3.78 -21.08
C TYR B 111 -9.80 3.86 -19.76
N VAL B 112 -9.24 2.74 -19.32
CA VAL B 112 -8.48 2.69 -18.06
C VAL B 112 -7.24 3.57 -18.16
N GLU B 113 -6.59 3.61 -19.32
CA GLU B 113 -5.44 4.51 -19.46
C GLU B 113 -5.86 5.97 -19.45
N MET B 114 -7.00 6.29 -20.07
CA MET B 114 -7.49 7.67 -20.04
C MET B 114 -7.88 8.10 -18.63
N ASN B 115 -8.36 7.16 -17.80
CA ASN B 115 -8.67 7.54 -16.41
C ASN B 115 -7.39 7.79 -15.61
N ILE B 116 -6.34 7.02 -15.89
CA ILE B 116 -5.06 7.26 -15.21
C ILE B 116 -4.48 8.61 -15.60
N ALA B 117 -4.57 8.96 -16.89
CA ALA B 117 -4.21 10.29 -17.36
C ALA B 117 -4.93 11.37 -16.59
N HIS B 118 -6.25 11.26 -16.46
CA HIS B 118 -7.06 12.19 -15.67
C HIS B 118 -6.78 13.63 -16.12
N PRO B 119 -6.98 13.95 -17.40
CA PRO B 119 -6.33 15.15 -17.96
C PRO B 119 -6.90 16.46 -17.47
N PHE B 120 -8.12 16.51 -16.94
CA PHE B 120 -8.68 17.78 -16.47
C PHE B 120 -8.54 17.93 -14.96
N ARG B 121 -8.72 19.16 -14.49
CA ARG B 121 -8.66 19.41 -13.06
C ARG B 121 -9.83 18.76 -12.34
N GLU B 122 -10.99 18.71 -13.00
CA GLU B 122 -12.23 18.19 -12.44
C GLU B 122 -13.09 17.70 -13.60
N GLY B 123 -14.10 16.89 -13.29
CA GLY B 123 -15.00 16.38 -14.31
C GLY B 123 -14.47 15.29 -15.20
N ASN B 124 -13.37 14.63 -14.82
CA ASN B 124 -12.85 13.53 -15.65
C ASN B 124 -13.84 12.37 -15.70
N GLY B 125 -14.49 12.05 -14.58
CA GLY B 125 -15.38 10.90 -14.56
C GLY B 125 -16.54 11.03 -15.52
N ARG B 126 -17.29 12.13 -15.43
CA ARG B 126 -18.50 12.27 -16.26
C ARG B 126 -18.16 12.45 -17.74
N ALA B 127 -17.16 13.27 -18.05
CA ALA B 127 -16.78 13.46 -19.45
C ALA B 127 -16.25 12.17 -20.07
N THR B 128 -15.42 11.42 -19.34
CA THR B 128 -14.78 10.26 -19.97
C THR B 128 -15.76 9.11 -20.16
N ARG B 129 -16.81 9.04 -19.33
CA ARG B 129 -17.80 7.99 -19.54
C ARG B 129 -18.62 8.26 -20.82
N ILE B 130 -18.95 9.52 -21.09
CA ILE B 130 -19.56 9.87 -22.37
C ILE B 130 -18.65 9.47 -23.52
N TRP B 131 -17.36 9.76 -23.38
CA TRP B 131 -16.35 9.41 -24.37
C TRP B 131 -16.28 7.90 -24.57
N LEU B 132 -16.34 7.12 -23.48
CA LEU B 132 -16.29 5.67 -23.59
C LEU B 132 -17.48 5.13 -24.37
N ASP B 133 -18.69 5.58 -24.04
CA ASP B 133 -19.88 5.09 -24.74
C ASP B 133 -19.75 5.26 -26.27
N LEU B 134 -19.14 6.38 -26.70
CA LEU B 134 -18.99 6.62 -28.13
C LEU B 134 -18.02 5.63 -28.77
N ILE B 135 -16.94 5.27 -28.07
CA ILE B 135 -16.06 4.24 -28.61
C ILE B 135 -16.82 2.92 -28.72
N LEU B 136 -17.55 2.55 -27.67
CA LEU B 136 -18.28 1.27 -27.72
C LEU B 136 -19.33 1.28 -28.82
N LYS B 137 -19.97 2.42 -29.04
CA LYS B 137 -20.97 2.53 -30.08
C LYS B 137 -20.34 2.31 -31.45
N LYS B 138 -19.24 3.01 -31.72
CA LYS B 138 -18.58 2.92 -33.01
C LYS B 138 -18.03 1.52 -33.28
N GLU B 139 -17.40 0.89 -32.28
CA GLU B 139 -16.63 -0.33 -32.52
C GLU B 139 -17.38 -1.62 -32.19
N LEU B 140 -18.30 -1.62 -31.22
CA LEU B 140 -19.05 -2.82 -30.88
C LEU B 140 -20.55 -2.71 -31.19
N LYS B 141 -21.00 -1.53 -31.61
CA LYS B 141 -22.43 -1.23 -31.75
C LYS B 141 -23.18 -1.54 -30.46
N ARG B 142 -22.59 -1.09 -29.34
CA ARG B 142 -23.17 -1.20 -28.02
C ARG B 142 -22.84 0.07 -27.25
N VAL B 143 -23.67 0.37 -26.24
CA VAL B 143 -23.38 1.39 -25.25
C VAL B 143 -23.72 0.82 -23.88
N VAL B 144 -23.35 1.56 -22.84
CA VAL B 144 -23.50 1.08 -21.47
C VAL B 144 -24.87 1.52 -20.96
N ASP B 145 -25.61 0.57 -20.39
CA ASP B 145 -26.80 0.89 -19.60
C ASP B 145 -26.32 1.12 -18.18
N TRP B 146 -26.01 2.39 -17.85
CA TRP B 146 -25.25 2.67 -16.63
C TRP B 146 -26.00 2.28 -15.36
N ASN B 147 -27.34 2.27 -15.38
CA ASN B 147 -28.08 1.84 -14.20
C ASN B 147 -27.79 0.40 -13.81
N LEU B 148 -27.30 -0.42 -14.75
CA LEU B 148 -26.97 -1.81 -14.48
C LEU B 148 -25.59 -1.98 -13.84
N ILE B 149 -24.89 -0.89 -13.56
CA ILE B 149 -23.61 -0.93 -12.86
C ILE B 149 -23.79 -0.18 -11.55
N ASN B 150 -23.76 -0.92 -10.45
CA ASN B 150 -23.93 -0.34 -9.13
C ASN B 150 -22.82 0.68 -8.85
N LYS B 151 -23.18 1.78 -8.17
CA LYS B 151 -22.26 2.90 -7.98
C LYS B 151 -20.99 2.47 -7.25
N GLU B 152 -21.14 1.75 -6.13
CA GLU B 152 -19.97 1.35 -5.36
C GLU B 152 -19.16 0.28 -6.08
N ASP B 153 -19.82 -0.62 -6.82
CA ASP B 153 -19.12 -1.55 -7.70
C ASP B 153 -18.26 -0.78 -8.71
N TYR B 154 -18.85 0.24 -9.34
CA TYR B 154 -18.12 1.02 -10.35
C TYR B 154 -16.90 1.71 -9.74
N LEU B 155 -17.09 2.47 -8.66
CA LEU B 155 -15.99 3.24 -8.07
C LEU B 155 -14.89 2.33 -7.55
N SER B 156 -15.25 1.22 -6.89
CA SER B 156 -14.22 0.25 -6.49
C SER B 156 -13.48 -0.30 -7.70
N ALA B 157 -14.21 -0.61 -8.77
CA ALA B 157 -13.56 -1.19 -9.95
C ALA B 157 -12.59 -0.20 -10.58
N MET B 158 -12.93 1.09 -10.55
CA MET B 158 -12.01 2.08 -11.10
C MET B 158 -10.77 2.25 -10.23
N GLU B 159 -10.94 2.21 -8.89
CA GLU B 159 -9.78 2.24 -8.00
C GLU B 159 -8.85 1.06 -8.31
N ARG B 160 -9.41 -0.09 -8.61
CA ARG B 160 -8.65 -1.31 -8.91
C ARG B 160 -8.01 -1.28 -10.30
N SER B 161 -8.59 -0.53 -11.24
CA SER B 161 -8.24 -0.67 -12.64
C SER B 161 -6.79 -0.37 -13.01
N PRO B 162 -6.06 0.58 -12.39
CA PRO B 162 -4.65 0.77 -12.79
C PRO B 162 -3.80 -0.48 -12.59
N VAL B 163 -4.17 -1.34 -11.64
CA VAL B 163 -3.47 -2.61 -11.39
C VAL B 163 -4.02 -3.74 -12.25
N LYS B 164 -5.34 -3.97 -12.23
CA LYS B 164 -5.99 -4.95 -13.10
C LYS B 164 -7.35 -4.41 -13.53
N ASP B 165 -7.66 -4.48 -14.82
CA ASP B 165 -8.92 -3.96 -15.33
C ASP B 165 -10.02 -5.03 -15.41
N LEU B 166 -9.82 -6.19 -14.81
CA LEU B 166 -10.81 -7.26 -14.92
C LEU B 166 -12.16 -6.84 -14.31
N GLU B 167 -12.12 -6.21 -13.13
CA GLU B 167 -13.34 -5.80 -12.44
C GLU B 167 -14.20 -4.88 -13.31
N ILE B 168 -13.62 -3.80 -13.83
CA ILE B 168 -14.43 -2.83 -14.58
C ILE B 168 -14.87 -3.43 -15.92
N LYS B 169 -14.03 -4.27 -16.52
CA LYS B 169 -14.40 -4.95 -17.77
C LYS B 169 -15.63 -5.84 -17.58
N TYR B 170 -15.71 -6.56 -16.47
CA TYR B 170 -16.88 -7.41 -16.27
C TYR B 170 -18.14 -6.58 -16.08
N LEU B 171 -18.05 -5.51 -15.28
CA LEU B 171 -19.21 -4.63 -15.08
C LEU B 171 -19.68 -4.03 -16.40
N ILE B 172 -18.74 -3.54 -17.21
CA ILE B 172 -19.11 -2.96 -18.50
C ILE B 172 -19.74 -4.02 -19.40
N SER B 173 -19.09 -5.19 -19.49
CA SER B 173 -19.57 -6.23 -20.41
C SER B 173 -21.01 -6.62 -20.10
N ASN B 174 -21.32 -6.82 -18.82
CA ASN B 174 -22.67 -7.21 -18.45
C ASN B 174 -23.68 -6.08 -18.54
N ALA B 175 -23.25 -4.84 -18.75
CA ALA B 175 -24.20 -3.73 -18.85
C ALA B 175 -24.39 -3.24 -20.28
N LEU B 176 -23.71 -3.85 -21.25
CA LEU B 176 -23.80 -3.40 -22.64
C LEU B 176 -25.17 -3.68 -23.23
N THR B 177 -25.71 -2.69 -23.94
CA THR B 177 -26.97 -2.83 -24.65
C THR B 177 -26.79 -2.39 -26.09
N ASP B 178 -27.55 -3.02 -26.99
CA ASP B 178 -27.51 -2.67 -28.40
C ASP B 178 -28.39 -1.47 -28.75
N LYS B 179 -29.09 -0.88 -27.78
CA LYS B 179 -29.93 0.30 -28.04
C LYS B 179 -29.06 1.55 -28.12
N ILE B 180 -28.29 1.63 -29.21
CA ILE B 180 -27.24 2.63 -29.31
C ILE B 180 -27.71 4.00 -29.80
N ASN B 181 -28.95 4.12 -30.25
CA ASN B 181 -29.50 5.44 -30.59
C ASN B 181 -30.74 5.76 -29.74
N ASP B 182 -30.89 5.09 -28.59
CA ASP B 182 -32.05 5.26 -27.72
C ASP B 182 -31.84 6.47 -26.80
N ARG B 183 -32.65 7.51 -26.98
CA ARG B 183 -32.46 8.74 -26.22
C ARG B 183 -32.61 8.52 -24.72
N GLU B 184 -33.52 7.65 -24.31
CA GLU B 184 -33.73 7.48 -22.88
C GLU B 184 -32.60 6.68 -22.22
N ILE B 185 -31.98 5.75 -22.96
CA ILE B 185 -30.76 5.10 -22.45
C ILE B 185 -29.67 6.14 -22.17
N PHE B 186 -29.48 7.10 -23.09
CA PHE B 186 -28.43 8.10 -22.89
C PHE B 186 -28.76 9.02 -21.70
N MET B 187 -30.01 9.50 -21.62
CA MET B 187 -30.37 10.47 -20.60
C MET B 187 -30.31 9.86 -19.21
N LYS B 188 -30.84 8.63 -19.06
CA LYS B 188 -30.78 7.96 -17.77
C LYS B 188 -29.34 7.61 -17.42
N GLY B 189 -28.54 7.27 -18.42
CA GLY B 189 -27.11 7.11 -18.20
C GLY B 189 -26.46 8.37 -17.67
N ILE B 190 -26.83 9.54 -18.21
CA ILE B 190 -26.29 10.80 -17.71
C ILE B 190 -26.64 10.98 -16.22
N ASP B 191 -27.90 10.72 -15.86
CA ASP B 191 -28.29 10.86 -14.46
C ASP B 191 -27.48 9.91 -13.55
N ILE B 192 -27.36 8.64 -13.96
CA ILE B 192 -26.60 7.67 -13.16
C ILE B 192 -25.14 8.09 -13.09
N SER B 193 -24.58 8.57 -14.20
CA SER B 193 -23.19 9.01 -14.22
C SER B 193 -22.94 10.16 -13.24
N TYR B 194 -23.88 11.12 -13.17
CA TYR B 194 -23.72 12.20 -12.20
C TYR B 194 -23.92 11.68 -10.78
N TYR B 195 -24.84 10.73 -10.61
CA TYR B 195 -25.07 10.10 -9.32
C TYR B 195 -23.79 9.47 -8.77
N TYR B 196 -23.00 8.82 -9.65
CA TYR B 196 -21.73 8.24 -9.23
C TYR B 196 -20.85 9.25 -8.52
N GLU B 197 -20.88 10.51 -9.00
CA GLU B 197 -20.00 11.55 -8.51
C GLU B 197 -20.64 12.45 -7.45
N GLY B 198 -21.80 12.07 -6.94
CA GLY B 198 -22.44 12.80 -5.86
C GLY B 198 -23.32 13.97 -6.27
N TYR B 199 -23.92 13.93 -7.45
CA TYR B 199 -24.91 14.93 -7.88
C TYR B 199 -26.21 14.19 -8.12
N THR B 200 -27.24 14.46 -7.31
CA THR B 200 -28.49 13.71 -7.37
C THR B 200 -29.74 14.58 -7.47
N GLU B 201 -29.60 15.89 -7.70
CA GLU B 201 -30.73 16.80 -7.54
C GLU B 201 -31.75 16.66 -8.67
N TYR B 202 -31.29 16.69 -9.92
CA TYR B 202 -32.15 16.89 -11.08
C TYR B 202 -32.16 15.67 -11.99
N ASN B 203 -33.21 15.58 -12.82
CA ASN B 203 -33.28 14.67 -13.96
C ASN B 203 -32.98 15.46 -15.22
N VAL B 204 -32.01 14.99 -16.01
CA VAL B 204 -31.54 15.77 -17.15
C VAL B 204 -32.65 16.01 -18.18
N ASP B 205 -33.60 15.08 -18.31
CA ASP B 205 -34.56 15.30 -19.40
C ASP B 205 -35.63 16.32 -19.01
N GLU B 206 -35.83 16.55 -17.71
CA GLU B 206 -36.72 17.59 -17.17
C GLU B 206 -36.08 18.96 -17.18
N LEU B 207 -34.87 19.10 -17.70
CA LEU B 207 -34.27 20.40 -17.93
C LEU B 207 -34.45 20.75 -19.41
N HIS C 5 -32.86 -7.25 0.86
CA HIS C 5 -32.94 -7.25 2.32
C HIS C 5 -32.42 -5.95 2.95
N HIS C 6 -31.18 -5.54 2.66
CA HIS C 6 -30.61 -4.36 3.33
C HIS C 6 -31.43 -3.11 3.04
N HIS C 7 -31.66 -2.83 1.77
CA HIS C 7 -32.45 -1.67 1.36
C HIS C 7 -33.93 -2.09 1.43
N MET C 8 -34.57 -1.77 2.55
CA MET C 8 -35.93 -2.26 2.82
C MET C 8 -36.92 -1.78 1.76
N LEU C 9 -36.76 -0.56 1.26
CA LEU C 9 -37.73 -0.04 0.30
C LEU C 9 -37.54 -0.59 -1.10
N GLU C 10 -36.41 -1.22 -1.39
CA GLU C 10 -36.13 -1.64 -2.76
C GLU C 10 -37.14 -2.69 -3.22
N ASN C 11 -37.37 -3.72 -2.41
CA ASN C 11 -38.33 -4.71 -2.88
C ASN C 11 -39.77 -4.33 -2.55
N LYS C 12 -40.03 -3.75 -1.38
CA LYS C 12 -41.39 -3.36 -1.02
C LYS C 12 -42.01 -2.46 -2.08
N LEU C 13 -41.25 -1.46 -2.54
CA LEU C 13 -41.75 -0.52 -3.53
C LEU C 13 -41.25 -0.81 -4.94
N GLY C 14 -40.50 -1.89 -5.12
CA GLY C 14 -40.02 -2.25 -6.45
C GLY C 14 -39.21 -1.17 -7.12
N ILE C 15 -38.38 -0.46 -6.37
CA ILE C 15 -37.58 0.61 -6.94
C ILE C 15 -36.34 -0.01 -7.59
N ILE C 16 -36.19 0.21 -8.90
CA ILE C 16 -35.16 -0.46 -9.69
C ILE C 16 -34.00 0.45 -10.06
N ASN C 17 -34.18 1.76 -9.98
CA ASN C 17 -33.20 2.72 -10.45
C ASN C 17 -32.42 3.21 -9.23
N GLN C 18 -31.10 3.27 -9.36
CA GLN C 18 -30.28 3.55 -8.17
C GLN C 18 -30.48 4.97 -7.70
N LEU C 19 -30.64 5.91 -8.64
CA LEU C 19 -30.82 7.30 -8.27
C LEU C 19 -32.14 7.51 -7.54
N GLU C 20 -33.20 6.84 -8.01
CA GLU C 20 -34.48 6.98 -7.35
C GLU C 20 -34.45 6.41 -5.94
N LEU C 21 -33.79 5.27 -5.74
CA LEU C 21 -33.63 4.73 -4.39
C LEU C 21 -32.83 5.68 -3.51
N ASN C 22 -31.72 6.23 -4.05
CA ASN C 22 -30.91 7.19 -3.29
C ASN C 22 -31.77 8.37 -2.82
N ARG C 23 -32.60 8.92 -3.69
CA ARG C 23 -33.39 10.11 -3.34
C ARG C 23 -34.46 9.78 -2.31
N VAL C 24 -35.10 8.62 -2.40
CA VAL C 24 -36.15 8.33 -1.42
C VAL C 24 -35.52 8.01 -0.07
N GLU C 25 -34.35 7.36 -0.06
CA GLU C 25 -33.68 7.12 1.22
C GLU C 25 -33.21 8.42 1.85
N GLU C 26 -32.77 9.38 1.03
CA GLU C 26 -32.43 10.70 1.54
C GLU C 26 -33.66 11.36 2.17
N ARG C 27 -34.78 11.37 1.43
CA ARG C 27 -35.97 12.07 1.90
C ARG C 27 -36.47 11.50 3.22
N VAL C 28 -36.59 10.18 3.31
CA VAL C 28 -37.17 9.58 4.52
C VAL C 28 -36.27 9.83 5.73
N SER C 29 -34.95 9.60 5.56
CA SER C 29 -34.06 9.74 6.71
C SER C 29 -33.86 11.21 7.10
N LYS C 30 -33.88 12.13 6.13
CA LYS C 30 -33.77 13.55 6.46
C LYS C 30 -35.04 14.06 7.16
N GLU C 31 -36.22 13.57 6.75
CA GLU C 31 -37.43 13.83 7.53
C GLU C 31 -37.25 13.39 8.97
N ASN C 32 -36.63 12.24 9.19
CA ASN C 32 -36.39 11.76 10.55
C ASN C 32 -35.36 12.62 11.28
N ALA C 33 -34.31 13.08 10.57
CA ALA C 33 -33.32 13.94 11.20
C ALA C 33 -33.94 15.25 11.67
N LYS C 34 -34.74 15.88 10.80
CA LYS C 34 -35.46 17.09 11.19
C LYS C 34 -36.26 16.87 12.46
N ARG C 35 -37.04 15.77 12.51
CA ARG C 35 -37.85 15.48 13.71
C ARG C 35 -36.96 15.21 14.92
N LEU C 36 -35.83 14.53 14.73
CA LEU C 36 -34.92 14.27 15.84
C LEU C 36 -34.56 15.57 16.57
N TYR C 37 -34.31 16.63 15.81
CA TYR C 37 -33.94 17.91 16.42
C TYR C 37 -35.17 18.66 16.93
N ASP C 38 -36.16 18.90 16.06
CA ASP C 38 -37.28 19.79 16.39
C ASP C 38 -38.19 19.23 17.49
N SER C 39 -38.18 17.92 17.74
CA SER C 39 -38.98 17.32 18.80
C SER C 39 -38.31 17.39 20.17
N GLY C 40 -37.04 17.78 20.24
CA GLY C 40 -36.30 17.60 21.47
C GLY C 40 -35.76 16.21 21.72
N ASP C 41 -36.11 15.22 20.87
CA ASP C 41 -35.62 13.87 21.12
C ASP C 41 -34.10 13.81 21.16
N ILE C 42 -33.44 14.64 20.35
CA ILE C 42 -31.98 14.60 20.29
C ILE C 42 -31.36 14.92 21.65
N ASP C 43 -32.02 15.74 22.46
CA ASP C 43 -31.41 16.19 23.70
C ASP C 43 -31.51 15.17 24.82
N ARG C 44 -32.22 14.06 24.63
CA ARG C 44 -32.29 13.01 25.63
C ARG C 44 -31.36 11.83 25.34
N ILE C 45 -30.61 11.87 24.24
CA ILE C 45 -29.75 10.76 23.86
C ILE C 45 -28.52 10.72 24.76
N GLU C 46 -28.15 9.53 25.19
CA GLU C 46 -26.89 9.32 25.89
C GLU C 46 -25.73 9.76 25.01
N VAL C 47 -24.75 10.46 25.61
CA VAL C 47 -23.67 11.11 24.88
C VAL C 47 -22.44 10.22 24.92
N GLY C 48 -21.85 9.97 23.75
CA GLY C 48 -20.53 9.36 23.66
C GLY C 48 -20.47 7.84 23.79
N THR C 49 -21.58 7.14 23.64
CA THR C 49 -21.62 5.69 23.81
C THR C 49 -22.20 5.05 22.56
N PHE C 50 -21.91 3.76 22.38
CA PHE C 50 -22.52 3.03 21.27
C PHE C 50 -24.05 3.00 21.41
N LYS C 51 -24.55 2.88 22.64
CA LYS C 51 -26.00 2.93 22.87
C LYS C 51 -26.59 4.20 22.27
N GLY C 52 -25.97 5.35 22.55
CA GLY C 52 -26.42 6.60 21.94
C GLY C 52 -26.29 6.60 20.43
N LEU C 53 -25.17 6.11 19.89
CA LEU C 53 -24.99 6.07 18.44
C LEU C 53 -26.02 5.15 17.79
N SER C 54 -26.26 3.99 18.40
CA SER C 54 -27.29 3.09 17.92
C SER C 54 -28.67 3.74 17.97
N TYR C 55 -28.94 4.53 19.00
CA TYR C 55 -30.20 5.27 19.00
C TYR C 55 -30.29 6.18 17.79
N ILE C 56 -29.24 6.98 17.53
CA ILE C 56 -29.28 7.89 16.38
C ILE C 56 -29.49 7.12 15.08
N HIS C 57 -28.70 6.06 14.87
CA HIS C 57 -28.77 5.30 13.62
C HIS C 57 -30.18 4.76 13.38
N ASN C 58 -30.75 4.12 14.39
CA ASN C 58 -32.12 3.60 14.25
C ASN C 58 -33.11 4.74 13.98
N TYR C 59 -32.97 5.85 14.72
CA TYR C 59 -33.88 6.98 14.52
C TYR C 59 -33.87 7.45 13.07
N LEU C 60 -32.68 7.51 12.45
CA LEU C 60 -32.62 7.98 11.07
C LEU C 60 -33.07 6.93 10.06
N PHE C 61 -32.81 5.64 10.30
CA PHE C 61 -32.78 4.67 9.22
C PHE C 61 -33.70 3.47 9.41
N GLU C 62 -34.48 3.41 10.50
CA GLU C 62 -35.25 2.19 10.80
C GLU C 62 -36.28 1.84 9.75
N ASP C 63 -36.71 2.78 8.91
CA ASP C 63 -37.62 2.40 7.84
C ASP C 63 -36.91 2.13 6.51
N ILE C 64 -35.57 2.22 6.49
CA ILE C 64 -34.80 2.22 5.26
C ILE C 64 -33.78 1.08 5.23
N TYR C 65 -33.11 0.83 6.34
CA TYR C 65 -32.05 -0.17 6.44
C TYR C 65 -32.54 -1.29 7.35
N GLU C 66 -32.38 -2.53 6.90
CA GLU C 66 -32.99 -3.68 7.58
C GLU C 66 -32.61 -3.74 9.04
N PHE C 67 -31.36 -3.46 9.38
CA PHE C 67 -30.95 -3.66 10.76
C PHE C 67 -30.47 -2.35 11.41
N ALA C 68 -31.15 -1.26 11.10
CA ALA C 68 -30.84 0.04 11.67
C ALA C 68 -30.69 -0.05 13.18
N GLY C 69 -29.61 0.55 13.70
CA GLY C 69 -29.31 0.48 15.11
C GLY C 69 -28.60 -0.78 15.56
N LYS C 70 -28.39 -1.75 14.67
CA LYS C 70 -27.81 -3.05 15.03
C LYS C 70 -26.45 -3.21 14.37
N VAL C 71 -25.51 -3.86 15.06
CA VAL C 71 -24.19 -4.09 14.48
C VAL C 71 -24.30 -5.01 13.26
N ARG C 72 -23.50 -4.71 12.25
CA ARG C 72 -23.43 -5.56 11.07
C ARG C 72 -22.92 -6.95 11.46
N SER C 73 -23.24 -7.93 10.61
CA SER C 73 -22.73 -9.29 10.77
C SER C 73 -21.73 -9.71 9.70
N GLN C 74 -21.50 -8.88 8.68
CA GLN C 74 -20.45 -9.16 7.71
C GLN C 74 -19.35 -8.12 7.79
N ASN C 75 -18.23 -8.45 7.15
CA ASN C 75 -17.10 -7.55 7.06
C ASN C 75 -17.32 -6.57 5.92
N ILE C 76 -16.76 -5.37 6.07
CA ILE C 76 -16.98 -4.32 5.08
C ILE C 76 -15.69 -3.54 4.91
N SER C 77 -15.57 -2.91 3.75
CA SER C 77 -14.40 -2.13 3.41
C SER C 77 -14.84 -0.87 2.68
N LYS C 78 -13.94 0.10 2.60
CA LYS C 78 -14.17 1.29 1.79
C LYS C 78 -12.82 1.73 1.22
N GLY C 79 -12.74 1.94 -0.08
CA GLY C 79 -11.47 2.28 -0.70
C GLY C 79 -10.55 1.08 -0.58
N ASN C 80 -9.39 1.25 0.07
CA ASN C 80 -8.49 0.14 0.37
C ASN C 80 -8.53 -0.26 1.84
N PHE C 81 -9.43 0.31 2.63
CA PHE C 81 -9.42 0.12 4.07
C PHE C 81 -10.43 -0.95 4.48
N ARG C 82 -9.99 -1.92 5.27
CA ARG C 82 -10.86 -2.94 5.83
C ARG C 82 -11.15 -2.53 7.27
N PHE C 83 -12.43 -2.23 7.54
CA PHE C 83 -12.87 -1.82 8.87
C PHE C 83 -12.80 -2.99 9.85
N ALA C 84 -13.03 -2.69 11.13
CA ALA C 84 -12.85 -3.65 12.21
C ALA C 84 -13.53 -4.98 11.88
N PRO C 85 -12.83 -6.11 12.05
CA PRO C 85 -13.47 -7.41 11.75
C PRO C 85 -14.67 -7.66 12.65
N VAL C 86 -15.69 -8.31 12.08
CA VAL C 86 -16.94 -8.54 12.84
C VAL C 86 -16.66 -9.24 14.16
N MET C 87 -15.77 -10.24 14.15
CA MET C 87 -15.48 -11.01 15.37
C MET C 87 -15.04 -10.12 16.52
N TYR C 88 -14.62 -8.89 16.23
CA TYR C 88 -14.09 -7.97 17.22
C TYR C 88 -14.96 -6.75 17.46
N LEU C 89 -16.10 -6.63 16.78
CA LEU C 89 -16.91 -5.41 16.93
C LEU C 89 -17.30 -5.18 18.38
N GLU C 90 -17.67 -6.25 19.10
CA GLU C 90 -18.13 -6.08 20.47
C GLU C 90 -17.04 -5.50 21.35
N ILE C 91 -15.83 -6.10 21.30
CA ILE C 91 -14.72 -5.61 22.11
C ILE C 91 -14.29 -4.23 21.67
N ALA C 92 -14.31 -3.96 20.36
CA ALA C 92 -13.96 -2.63 19.87
C ALA C 92 -14.92 -1.59 20.46
N LEU C 93 -16.22 -1.89 20.40
CA LEU C 93 -17.22 -0.95 20.89
C LEU C 93 -17.18 -0.81 22.40
N GLU C 94 -16.90 -1.90 23.12
CA GLU C 94 -16.73 -1.79 24.56
C GLU C 94 -15.51 -0.92 24.90
N HIS C 95 -14.40 -1.10 24.17
CA HIS C 95 -13.25 -0.23 24.35
C HIS C 95 -13.58 1.23 24.06
N ILE C 96 -14.31 1.48 22.97
CA ILE C 96 -14.59 2.87 22.60
C ILE C 96 -15.45 3.54 23.68
N ASP C 97 -16.39 2.79 24.26
CA ASP C 97 -17.22 3.35 25.34
C ASP C 97 -16.39 3.85 26.51
N LYS C 98 -15.21 3.26 26.73
CA LYS C 98 -14.38 3.63 27.89
C LYS C 98 -13.35 4.71 27.57
N MET C 99 -13.26 5.16 26.33
CA MET C 99 -12.29 6.19 25.98
C MET C 99 -12.70 7.53 26.58
N PRO C 100 -11.74 8.33 27.05
CA PRO C 100 -12.08 9.65 27.59
C PRO C 100 -12.48 10.60 26.48
N GLN C 101 -13.05 11.73 26.89
CA GLN C 101 -13.53 12.73 25.92
C GLN C 101 -13.45 14.13 26.52
N ARG C 102 -12.40 14.39 27.31
CA ARG C 102 -12.32 15.65 28.04
C ARG C 102 -11.86 16.82 27.19
N ASN C 103 -11.14 16.59 26.11
CA ASN C 103 -10.64 17.68 25.28
C ASN C 103 -10.68 17.27 23.81
N LEU C 104 -10.31 18.20 22.94
CA LEU C 104 -10.47 17.96 21.50
C LEU C 104 -9.61 16.81 21.03
N ASP C 105 -8.38 16.68 21.56
CA ASP C 105 -7.52 15.56 21.21
C ASP C 105 -8.20 14.23 21.49
N GLU C 106 -8.76 14.08 22.70
CA GLU C 106 -9.38 12.83 23.10
C GLU C 106 -10.70 12.60 22.34
N ILE C 107 -11.46 13.65 22.10
CA ILE C 107 -12.72 13.48 21.38
C ILE C 107 -12.45 13.03 19.95
N VAL C 108 -11.49 13.68 19.29
CA VAL C 108 -11.15 13.31 17.91
C VAL C 108 -10.64 11.87 17.84
N ALA C 109 -9.80 11.46 18.81
CA ALA C 109 -9.31 10.09 18.80
C ALA C 109 -10.44 9.10 18.99
N LYS C 110 -11.41 9.46 19.83
CA LYS C 110 -12.59 8.62 20.02
C LYS C 110 -13.44 8.54 18.75
N TYR C 111 -13.63 9.67 18.08
CA TYR C 111 -14.38 9.65 16.83
C TYR C 111 -13.65 8.82 15.77
N VAL C 112 -12.33 8.93 15.71
CA VAL C 112 -11.55 8.18 14.74
C VAL C 112 -11.69 6.67 14.99
N GLU C 113 -11.71 6.26 16.27
CA GLU C 113 -11.87 4.84 16.56
C GLU C 113 -13.28 4.36 16.22
N MET C 114 -14.31 5.20 16.43
CA MET C 114 -15.66 4.78 16.09
C MET C 114 -15.85 4.67 14.58
N ASN C 115 -15.14 5.49 13.81
CA ASN C 115 -15.19 5.31 12.37
C ASN C 115 -14.50 4.01 11.94
N ILE C 116 -13.35 3.69 12.56
CA ILE C 116 -12.66 2.43 12.22
C ILE C 116 -13.55 1.23 12.56
N ALA C 117 -14.22 1.29 13.72
CA ALA C 117 -15.18 0.25 14.09
C ALA C 117 -16.27 0.13 13.03
N HIS C 118 -16.81 1.25 12.56
CA HIS C 118 -17.78 1.25 11.46
C HIS C 118 -18.91 0.26 11.72
N PRO C 119 -19.61 0.38 12.85
CA PRO C 119 -20.42 -0.76 13.32
C PRO C 119 -21.64 -1.13 12.48
N PHE C 120 -22.15 -0.25 11.62
CA PHE C 120 -23.36 -0.58 10.86
C PHE C 120 -23.00 -0.95 9.42
N ARG C 121 -23.96 -1.58 8.75
CA ARG C 121 -23.78 -1.92 7.34
C ARG C 121 -23.63 -0.69 6.46
N GLU C 122 -24.41 0.37 6.77
CA GLU C 122 -24.39 1.64 6.04
C GLU C 122 -24.84 2.72 7.02
N GLY C 123 -24.64 3.98 6.64
CA GLY C 123 -25.06 5.07 7.52
C GLY C 123 -24.09 5.46 8.62
N ASN C 124 -22.85 4.93 8.58
CA ASN C 124 -21.89 5.22 9.66
C ASN C 124 -21.46 6.68 9.63
N GLY C 125 -21.20 7.24 8.45
CA GLY C 125 -20.69 8.61 8.38
C GLY C 125 -21.68 9.63 8.93
N ARG C 126 -22.92 9.59 8.46
CA ARG C 126 -23.95 10.54 8.88
C ARG C 126 -24.32 10.36 10.36
N ALA C 127 -24.58 9.13 10.79
CA ALA C 127 -24.96 8.92 12.18
C ALA C 127 -23.83 9.33 13.13
N THR C 128 -22.58 8.97 12.82
CA THR C 128 -21.50 9.20 13.77
C THR C 128 -21.15 10.68 13.85
N ARG C 129 -21.42 11.47 12.81
CA ARG C 129 -21.17 12.90 12.91
C ARG C 129 -22.18 13.58 13.85
N ILE C 130 -23.44 13.16 13.81
CA ILE C 130 -24.40 13.66 14.79
C ILE C 130 -23.95 13.31 16.20
N TRP C 131 -23.50 12.07 16.37
CA TRP C 131 -22.96 11.60 17.64
C TRP C 131 -21.76 12.45 18.08
N LEU C 132 -20.81 12.68 17.15
CA LEU C 132 -19.64 13.51 17.46
C LEU C 132 -20.06 14.90 17.97
N ASP C 133 -20.97 15.57 17.25
CA ASP C 133 -21.40 16.90 17.65
C ASP C 133 -21.95 16.93 19.08
N LEU C 134 -22.64 15.86 19.50
CA LEU C 134 -23.21 15.85 20.84
C LEU C 134 -22.13 15.70 21.92
N ILE C 135 -21.04 15.00 21.60
CA ILE C 135 -19.91 14.92 22.51
C ILE C 135 -19.24 16.28 22.64
N LEU C 136 -18.99 16.92 21.50
CA LEU C 136 -18.34 18.24 21.52
C LEU C 136 -19.20 19.26 22.27
N LYS C 137 -20.50 19.25 22.03
CA LYS C 137 -21.42 20.13 22.74
C LYS C 137 -21.32 19.92 24.26
N LYS C 138 -21.37 18.67 24.70
CA LYS C 138 -21.33 18.37 26.13
C LYS C 138 -19.99 18.80 26.74
N GLU C 139 -18.88 18.43 26.11
CA GLU C 139 -17.57 18.51 26.76
C GLU C 139 -16.84 19.82 26.51
N LEU C 140 -17.03 20.43 25.35
CA LEU C 140 -16.35 21.66 24.97
C LEU C 140 -17.28 22.83 24.78
N LYS C 141 -18.60 22.62 24.83
CA LYS C 141 -19.59 23.63 24.48
C LYS C 141 -19.34 24.17 23.07
N ARG C 142 -18.99 23.27 22.14
CA ARG C 142 -18.86 23.62 20.73
C ARG C 142 -19.55 22.54 19.91
N VAL C 143 -19.91 22.88 18.67
CA VAL C 143 -20.25 21.91 17.65
C VAL C 143 -19.52 22.30 16.38
N VAL C 144 -19.53 21.40 15.39
CA VAL C 144 -18.89 21.67 14.11
C VAL C 144 -19.85 22.45 13.22
N ASP C 145 -19.34 23.51 12.61
CA ASP C 145 -20.01 24.14 11.46
C ASP C 145 -19.52 23.41 10.21
N TRP C 146 -20.25 22.36 9.80
CA TRP C 146 -19.74 21.48 8.77
C TRP C 146 -19.54 22.17 7.43
N ASN C 147 -20.29 23.25 7.15
CA ASN C 147 -20.09 23.90 5.86
C ASN C 147 -18.71 24.53 5.74
N LEU C 148 -18.01 24.72 6.85
CA LEU C 148 -16.64 25.20 6.81
C LEU C 148 -15.63 24.08 6.54
N ILE C 149 -16.07 22.82 6.42
CA ILE C 149 -15.18 21.72 6.05
C ILE C 149 -15.55 21.28 4.64
N ASN C 150 -14.64 21.56 3.70
CA ASN C 150 -14.81 21.14 2.32
C ASN C 150 -14.93 19.62 2.21
N LYS C 151 -15.81 19.16 1.32
CA LYS C 151 -16.15 17.74 1.23
C LYS C 151 -14.90 16.89 0.97
N GLU C 152 -14.13 17.23 -0.07
CA GLU C 152 -13.00 16.38 -0.39
C GLU C 152 -11.92 16.45 0.68
N ASP C 153 -11.75 17.60 1.33
CA ASP C 153 -10.84 17.66 2.45
C ASP C 153 -11.29 16.71 3.55
N TYR C 154 -12.59 16.68 3.84
CA TYR C 154 -13.10 15.82 4.90
C TYR C 154 -12.90 14.34 4.55
N LEU C 155 -13.27 13.94 3.34
CA LEU C 155 -13.16 12.54 2.98
C LEU C 155 -11.69 12.09 2.96
N SER C 156 -10.79 12.94 2.46
CA SER C 156 -9.37 12.58 2.48
C SER C 156 -8.84 12.47 3.91
N ALA C 157 -9.27 13.40 4.79
CA ALA C 157 -8.80 13.37 6.17
C ALA C 157 -9.27 12.13 6.90
N MET C 158 -10.48 11.63 6.59
CA MET C 158 -10.95 10.40 7.23
C MET C 158 -10.18 9.20 6.69
N GLU C 159 -9.89 9.18 5.38
CA GLU C 159 -9.06 8.11 4.82
C GLU C 159 -7.71 8.06 5.53
N ARG C 160 -7.17 9.23 5.86
CA ARG C 160 -5.88 9.35 6.54
C ARG C 160 -5.97 8.97 8.02
N SER C 161 -7.14 9.16 8.64
CA SER C 161 -7.22 9.19 10.10
C SER C 161 -6.81 7.90 10.82
N PRO C 162 -7.02 6.68 10.28
CA PRO C 162 -6.51 5.49 10.99
C PRO C 162 -4.99 5.50 11.16
N VAL C 163 -4.27 6.17 10.27
CA VAL C 163 -2.82 6.29 10.44
C VAL C 163 -2.46 7.47 11.33
N LYS C 164 -2.97 8.67 11.02
CA LYS C 164 -2.70 9.87 11.80
C LYS C 164 -3.94 10.75 11.74
N ASP C 165 -4.42 11.22 12.90
CA ASP C 165 -5.66 11.99 12.92
C ASP C 165 -5.45 13.50 12.89
N LEU C 166 -4.23 13.94 12.60
CA LEU C 166 -3.94 15.37 12.61
C LEU C 166 -4.76 16.12 11.55
N GLU C 167 -4.91 15.54 10.36
CA GLU C 167 -5.65 16.18 9.28
C GLU C 167 -7.09 16.46 9.67
N ILE C 168 -7.79 15.43 10.19
CA ILE C 168 -9.19 15.64 10.56
C ILE C 168 -9.29 16.53 11.78
N LYS C 169 -8.29 16.47 12.67
CA LYS C 169 -8.33 17.31 13.87
C LYS C 169 -8.22 18.79 13.52
N TYR C 170 -7.39 19.15 12.53
CA TYR C 170 -7.29 20.55 12.12
C TYR C 170 -8.60 21.04 11.53
N LEU C 171 -9.20 20.26 10.60
CA LEU C 171 -10.47 20.64 9.98
C LEU C 171 -11.54 20.87 11.03
N ILE C 172 -11.67 19.93 11.97
CA ILE C 172 -12.69 20.06 13.01
C ILE C 172 -12.39 21.26 13.90
N SER C 173 -11.15 21.36 14.37
CA SER C 173 -10.79 22.44 15.28
C SER C 173 -11.10 23.81 14.68
N ASN C 174 -10.75 23.99 13.42
CA ASN C 174 -11.00 25.29 12.79
C ASN C 174 -12.46 25.50 12.37
N ALA C 175 -13.34 24.50 12.53
CA ALA C 175 -14.74 24.69 12.21
C ALA C 175 -15.64 24.73 13.43
N LEU C 176 -15.08 24.62 14.63
CA LEU C 176 -15.89 24.66 15.83
C LEU C 176 -16.57 26.02 15.97
N THR C 177 -17.83 26.00 16.44
CA THR C 177 -18.59 27.21 16.77
C THR C 177 -19.23 27.04 18.14
N ASP C 178 -19.39 28.15 18.86
CA ASP C 178 -20.07 28.06 20.15
C ASP C 178 -21.59 28.14 20.03
N LYS C 179 -22.13 28.20 18.82
CA LYS C 179 -23.58 28.28 18.60
C LYS C 179 -24.19 26.87 18.69
N ILE C 180 -24.12 26.32 19.90
CA ILE C 180 -24.46 24.91 20.13
C ILE C 180 -25.95 24.65 20.21
N ASN C 181 -26.79 25.69 20.21
CA ASN C 181 -28.24 25.54 20.23
C ASN C 181 -28.87 26.31 19.08
N ASP C 182 -28.10 26.52 18.02
CA ASP C 182 -28.53 27.26 16.84
C ASP C 182 -29.07 26.28 15.81
N ARG C 183 -30.35 26.42 15.47
CA ARG C 183 -31.03 25.46 14.59
C ARG C 183 -30.44 25.52 13.20
N GLU C 184 -30.06 26.69 12.72
CA GLU C 184 -29.52 26.80 11.37
C GLU C 184 -28.20 26.05 11.24
N ILE C 185 -27.38 26.07 12.30
CA ILE C 185 -26.11 25.34 12.28
C ILE C 185 -26.38 23.84 12.20
N PHE C 186 -27.35 23.35 12.99
CA PHE C 186 -27.66 21.93 12.97
C PHE C 186 -28.22 21.50 11.62
N MET C 187 -29.23 22.22 11.12
CA MET C 187 -29.89 21.83 9.88
C MET C 187 -28.96 21.95 8.69
N LYS C 188 -28.27 23.08 8.55
CA LYS C 188 -27.30 23.17 7.46
C LYS C 188 -26.23 22.11 7.60
N GLY C 189 -25.85 21.78 8.83
CA GLY C 189 -24.89 20.70 9.04
C GLY C 189 -25.41 19.35 8.58
N ILE C 190 -26.71 19.11 8.73
CA ILE C 190 -27.28 17.87 8.22
C ILE C 190 -27.19 17.85 6.69
N ASP C 191 -27.55 18.96 6.03
CA ASP C 191 -27.48 18.96 4.57
C ASP C 191 -26.06 18.76 4.06
N ILE C 192 -25.07 19.38 4.71
CA ILE C 192 -23.68 19.19 4.29
C ILE C 192 -23.24 17.75 4.53
N SER C 193 -23.54 17.22 5.72
CA SER C 193 -23.21 15.83 6.04
C SER C 193 -23.74 14.87 4.99
N TYR C 194 -25.02 15.02 4.62
CA TYR C 194 -25.58 14.18 3.56
C TYR C 194 -24.87 14.42 2.24
N TYR C 195 -24.54 15.68 1.96
CA TYR C 195 -23.80 16.00 0.74
C TYR C 195 -22.45 15.27 0.70
N TYR C 196 -21.75 15.20 1.83
CA TYR C 196 -20.51 14.42 1.89
C TYR C 196 -20.72 12.99 1.39
N GLU C 197 -21.89 12.41 1.65
CA GLU C 197 -22.13 11.01 1.33
C GLU C 197 -22.83 10.79 -0.01
N GLY C 198 -22.99 11.85 -0.81
CA GLY C 198 -23.60 11.68 -2.11
C GLY C 198 -25.12 11.80 -2.16
N TYR C 199 -25.72 12.59 -1.26
CA TYR C 199 -27.16 12.85 -1.25
C TYR C 199 -27.37 14.37 -1.29
N THR C 200 -27.96 14.87 -2.37
CA THR C 200 -28.08 16.32 -2.53
C THR C 200 -29.49 16.80 -2.91
N GLU C 201 -30.52 15.95 -2.82
CA GLU C 201 -31.79 16.34 -3.44
C GLU C 201 -32.59 17.33 -2.61
N TYR C 202 -32.66 17.17 -1.29
CA TYR C 202 -33.57 17.95 -0.46
C TYR C 202 -32.80 18.87 0.48
N ASN C 203 -33.51 19.86 1.04
CA ASN C 203 -33.02 20.61 2.19
C ASN C 203 -33.80 20.15 3.42
N VAL C 204 -33.08 19.71 4.45
CA VAL C 204 -33.73 19.08 5.60
C VAL C 204 -34.77 20.01 6.23
N ASP C 205 -34.55 21.34 6.13
CA ASP C 205 -35.47 22.36 6.67
C ASP C 205 -36.86 22.25 6.08
N GLU C 206 -36.93 21.92 4.80
CA GLU C 206 -38.17 22.01 4.05
C GLU C 206 -38.98 20.73 4.10
N LEU C 207 -38.53 19.75 4.87
CA LEU C 207 -39.27 18.52 4.99
C LEU C 207 -40.15 18.56 6.23
N HIS D 6 29.99 7.95 -2.13
CA HIS D 6 28.99 8.96 -1.77
C HIS D 6 29.44 9.77 -0.57
N HIS D 7 29.78 9.07 0.52
CA HIS D 7 30.27 9.71 1.75
C HIS D 7 31.77 9.89 1.62
N MET D 8 32.20 11.09 1.23
CA MET D 8 33.60 11.29 0.91
C MET D 8 34.47 11.15 2.16
N LEU D 9 34.00 11.64 3.30
CA LEU D 9 34.82 11.56 4.51
C LEU D 9 35.04 10.12 4.95
N GLU D 10 34.07 9.23 4.70
CA GLU D 10 34.28 7.83 5.05
C GLU D 10 35.48 7.26 4.31
N ASN D 11 35.57 7.51 3.00
CA ASN D 11 36.63 6.92 2.20
C ASN D 11 37.96 7.65 2.38
N LYS D 12 37.91 8.96 2.65
CA LYS D 12 39.14 9.73 2.82
C LYS D 12 39.78 9.48 4.18
N LEU D 13 39.02 9.66 5.26
CA LEU D 13 39.54 9.52 6.62
C LEU D 13 39.48 8.09 7.14
N GLY D 14 38.98 7.14 6.35
CA GLY D 14 38.86 5.77 6.85
C GLY D 14 38.00 5.63 8.09
N ILE D 15 36.93 6.43 8.20
CA ILE D 15 35.98 6.25 9.30
C ILE D 15 35.29 4.90 9.14
N ILE D 16 35.18 4.16 10.24
CA ILE D 16 34.52 2.85 10.18
C ILE D 16 33.46 2.71 11.27
N ASN D 17 33.14 3.79 11.94
CA ASN D 17 32.05 3.80 12.90
C ASN D 17 30.94 4.71 12.39
N GLN D 18 29.71 4.16 12.31
CA GLN D 18 28.56 4.90 11.77
C GLN D 18 28.32 6.20 12.53
N LEU D 19 28.41 6.15 13.85
CA LEU D 19 28.06 7.30 14.66
C LEU D 19 29.09 8.41 14.52
N GLU D 20 30.37 8.03 14.48
CA GLU D 20 31.43 8.99 14.22
C GLU D 20 31.23 9.69 12.87
N LEU D 21 30.92 8.94 11.82
CA LEU D 21 30.68 9.55 10.52
C LEU D 21 29.51 10.53 10.58
N ASN D 22 28.41 10.12 11.23
CA ASN D 22 27.26 11.01 11.39
C ASN D 22 27.65 12.30 12.10
N ARG D 23 28.49 12.20 13.14
CA ARG D 23 28.86 13.40 13.87
C ARG D 23 29.76 14.32 13.05
N VAL D 24 30.76 13.78 12.36
CA VAL D 24 31.66 14.67 11.62
C VAL D 24 30.95 15.28 10.42
N GLU D 25 30.08 14.51 9.76
CA GLU D 25 29.28 15.08 8.68
C GLU D 25 28.36 16.19 9.20
N GLU D 26 27.86 16.07 10.44
CA GLU D 26 27.12 17.18 11.03
C GLU D 26 28.03 18.38 11.26
N ARG D 27 29.20 18.16 11.87
CA ARG D 27 30.05 19.29 12.23
C ARG D 27 30.41 20.13 11.02
N VAL D 28 30.89 19.48 9.96
CA VAL D 28 31.42 20.20 8.81
C VAL D 28 30.31 20.89 8.04
N SER D 29 29.17 20.21 7.84
CA SER D 29 28.08 20.85 7.11
C SER D 29 27.47 21.99 7.91
N LYS D 30 27.41 21.88 9.26
CA LYS D 30 26.88 22.99 10.05
C LYS D 30 27.85 24.17 10.07
N GLU D 31 29.16 23.89 10.06
CA GLU D 31 30.12 24.98 9.93
C GLU D 31 29.86 25.76 8.65
N ASN D 32 29.60 25.05 7.54
CA ASN D 32 29.28 25.73 6.29
C ASN D 32 27.95 26.48 6.40
N ALA D 33 26.97 25.89 7.11
CA ALA D 33 25.67 26.54 7.24
C ALA D 33 25.80 27.87 7.97
N LYS D 34 26.64 27.92 9.01
CA LYS D 34 26.85 29.18 9.71
C LYS D 34 27.52 30.21 8.79
N ARG D 35 28.52 29.79 8.01
CA ARG D 35 29.17 30.71 7.08
C ARG D 35 28.17 31.22 6.05
N LEU D 36 27.44 30.32 5.39
CA LEU D 36 26.38 30.70 4.46
C LEU D 36 25.56 31.90 4.93
N TYR D 37 25.19 31.93 6.21
CA TYR D 37 24.38 33.04 6.72
C TYR D 37 25.22 34.24 7.11
N ASP D 38 26.26 34.01 7.92
CA ASP D 38 27.04 35.13 8.47
C ASP D 38 27.81 35.88 7.39
N SER D 39 28.26 35.20 6.34
CA SER D 39 28.94 35.84 5.22
C SER D 39 28.01 36.69 4.37
N GLY D 40 26.69 36.54 4.52
CA GLY D 40 25.75 37.16 3.62
C GLY D 40 25.56 36.45 2.29
N ASP D 41 26.26 35.33 2.07
CA ASP D 41 26.11 34.63 0.80
C ASP D 41 24.68 34.15 0.58
N ILE D 42 23.94 33.89 1.67
CA ILE D 42 22.58 33.37 1.54
C ILE D 42 21.67 34.39 0.87
N ASP D 43 21.98 35.69 1.00
CA ASP D 43 21.12 36.73 0.47
C ASP D 43 21.33 36.99 -1.02
N ARG D 44 22.35 36.39 -1.63
CA ARG D 44 22.65 36.58 -3.05
C ARG D 44 22.17 35.42 -3.92
N ILE D 45 21.47 34.44 -3.34
CA ILE D 45 21.02 33.25 -4.06
C ILE D 45 19.76 33.59 -4.85
N GLU D 46 19.64 33.00 -6.03
CA GLU D 46 18.34 32.92 -6.69
C GLU D 46 17.33 32.24 -5.75
N VAL D 47 16.10 32.73 -5.74
CA VAL D 47 15.05 32.26 -4.83
C VAL D 47 14.06 31.44 -5.65
N GLY D 48 13.75 30.23 -5.16
CA GLY D 48 12.68 29.42 -5.72
C GLY D 48 13.02 28.65 -6.98
N THR D 49 14.29 28.44 -7.27
CA THR D 49 14.71 27.72 -8.46
C THR D 49 15.63 26.58 -8.07
N PHE D 50 15.78 25.61 -8.97
CA PHE D 50 16.74 24.54 -8.68
C PHE D 50 18.17 25.06 -8.66
N LYS D 51 18.47 26.08 -9.47
CA LYS D 51 19.79 26.68 -9.43
C LYS D 51 20.10 27.16 -8.02
N GLY D 52 19.15 27.84 -7.38
CA GLY D 52 19.36 28.29 -6.03
C GLY D 52 19.43 27.16 -5.01
N LEU D 53 18.61 26.12 -5.20
CA LEU D 53 18.69 24.97 -4.30
C LEU D 53 20.01 24.24 -4.43
N SER D 54 20.48 24.07 -5.68
CA SER D 54 21.77 23.42 -5.92
C SER D 54 22.91 24.19 -5.26
N TYR D 55 22.86 25.53 -5.34
CA TYR D 55 23.89 26.33 -4.68
C TYR D 55 23.92 26.07 -3.18
N ILE D 56 22.72 26.06 -2.56
CA ILE D 56 22.62 25.80 -1.12
C ILE D 56 23.16 24.42 -0.80
N HIS D 57 22.75 23.40 -1.55
CA HIS D 57 23.18 22.04 -1.29
C HIS D 57 24.70 21.92 -1.43
N ASN D 58 25.28 22.58 -2.43
CA ASN D 58 26.72 22.48 -2.61
C ASN D 58 27.46 23.21 -1.48
N TYR D 59 26.90 24.34 -1.05
CA TYR D 59 27.51 25.11 0.04
C TYR D 59 27.57 24.29 1.32
N LEU D 60 26.49 23.57 1.65
CA LEU D 60 26.45 22.76 2.87
C LEU D 60 27.35 21.52 2.77
N PHE D 61 27.39 20.86 1.59
CA PHE D 61 27.86 19.49 1.52
C PHE D 61 29.03 19.25 0.57
N GLU D 62 29.56 20.29 -0.06
CA GLU D 62 30.84 20.19 -0.75
C GLU D 62 31.89 19.56 0.18
N ASP D 63 32.65 18.61 -0.36
CA ASP D 63 33.66 17.84 0.35
C ASP D 63 33.07 16.86 1.38
N ILE D 64 31.74 16.78 1.51
CA ILE D 64 31.09 15.78 2.37
C ILE D 64 30.36 14.73 1.53
N TYR D 65 29.48 15.16 0.63
CA TYR D 65 28.81 14.27 -0.30
C TYR D 65 29.46 14.42 -1.68
N GLU D 66 29.74 13.30 -2.33
CA GLU D 66 30.23 13.38 -3.70
C GLU D 66 29.13 13.97 -4.58
N PHE D 67 29.53 14.81 -5.53
CA PHE D 67 28.56 15.43 -6.44
C PHE D 67 27.54 16.32 -5.70
N ALA D 68 27.95 16.94 -4.58
CA ALA D 68 27.09 17.90 -3.91
C ALA D 68 26.66 19.00 -4.88
N GLY D 69 25.39 19.40 -4.79
CA GLY D 69 24.86 20.36 -5.71
C GLY D 69 24.47 19.81 -7.07
N LYS D 70 24.76 18.53 -7.36
CA LYS D 70 24.39 17.93 -8.64
C LYS D 70 23.26 16.92 -8.48
N VAL D 71 22.45 16.77 -9.53
CA VAL D 71 21.40 15.76 -9.52
C VAL D 71 21.99 14.36 -9.46
N ARG D 72 21.34 13.50 -8.68
CA ARG D 72 21.71 12.10 -8.55
C ARG D 72 21.57 11.37 -9.89
N SER D 73 22.25 10.22 -9.98
CA SER D 73 22.11 9.32 -11.11
C SER D 73 21.45 8.00 -10.72
N GLN D 74 21.16 7.80 -9.44
CA GLN D 74 20.48 6.61 -8.94
C GLN D 74 19.06 6.94 -8.50
N ASN D 75 18.19 5.94 -8.57
CA ASN D 75 16.85 6.07 -8.03
C ASN D 75 16.88 5.84 -6.53
N ILE D 76 16.10 6.62 -5.79
CA ILE D 76 16.08 6.51 -4.33
C ILE D 76 14.64 6.50 -3.86
N SER D 77 14.48 6.08 -2.62
CA SER D 77 13.16 5.96 -2.00
C SER D 77 13.28 6.27 -0.51
N LYS D 78 12.13 6.44 0.12
CA LYS D 78 12.08 6.60 1.57
C LYS D 78 10.78 5.94 2.04
N GLY D 79 10.88 5.08 3.04
CA GLY D 79 9.71 4.32 3.46
C GLY D 79 9.22 3.47 2.31
N ASN D 80 7.95 3.63 1.94
CA ASN D 80 7.40 2.99 0.76
C ASN D 80 7.41 3.88 -0.48
N PHE D 81 7.96 5.10 -0.42
CA PHE D 81 7.76 6.08 -1.49
C PHE D 81 8.95 6.11 -2.45
N ARG D 82 8.69 5.90 -3.74
CA ARG D 82 9.72 6.03 -4.76
C ARG D 82 9.72 7.46 -5.29
N PHE D 83 10.86 8.14 -5.17
CA PHE D 83 10.94 9.52 -5.61
C PHE D 83 11.07 9.58 -7.13
N ALA D 84 10.97 10.79 -7.67
CA ALA D 84 10.92 10.99 -9.12
C ALA D 84 12.02 10.17 -9.81
N PRO D 85 11.68 9.45 -10.89
CA PRO D 85 12.69 8.64 -11.59
C PRO D 85 13.85 9.49 -12.10
N VAL D 86 15.06 8.93 -12.03
CA VAL D 86 16.26 9.62 -12.54
C VAL D 86 16.05 10.04 -13.99
N MET D 87 15.47 9.14 -14.80
CA MET D 87 15.29 9.40 -16.22
C MET D 87 14.58 10.72 -16.48
N TYR D 88 13.77 11.17 -15.54
CA TYR D 88 12.87 12.28 -15.75
C TYR D 88 13.13 13.46 -14.82
N LEU D 89 14.28 13.47 -14.17
CA LEU D 89 14.51 14.42 -13.09
C LEU D 89 14.74 15.83 -13.63
N GLU D 90 15.52 15.95 -14.70
CA GLU D 90 15.86 17.28 -15.22
C GLU D 90 14.61 18.00 -15.72
N ILE D 91 13.70 17.26 -16.37
CA ILE D 91 12.48 17.89 -16.86
C ILE D 91 11.51 18.15 -15.71
N ALA D 92 11.57 17.32 -14.66
CA ALA D 92 10.74 17.58 -13.48
C ALA D 92 11.17 18.86 -12.77
N LEU D 93 12.47 19.12 -12.74
CA LEU D 93 12.98 20.34 -12.11
C LEU D 93 12.67 21.57 -12.97
N GLU D 94 12.65 21.41 -14.29
CA GLU D 94 12.20 22.50 -15.16
C GLU D 94 10.76 22.87 -14.86
N HIS D 95 9.90 21.88 -14.59
CA HIS D 95 8.52 22.17 -14.25
C HIS D 95 8.42 22.90 -12.91
N ILE D 96 9.23 22.51 -11.92
CA ILE D 96 9.14 23.15 -10.61
C ILE D 96 9.59 24.61 -10.71
N ASP D 97 10.63 24.88 -11.50
CA ASP D 97 11.09 26.25 -11.68
C ASP D 97 9.98 27.19 -12.13
N LYS D 98 9.03 26.70 -12.92
CA LYS D 98 7.96 27.52 -13.48
C LYS D 98 6.71 27.53 -12.63
N MET D 99 6.67 26.78 -11.55
CA MET D 99 5.51 26.80 -10.67
C MET D 99 5.41 28.17 -9.99
N PRO D 100 4.20 28.69 -9.80
CA PRO D 100 4.05 29.99 -9.12
C PRO D 100 4.33 29.86 -7.63
N GLN D 101 4.54 31.00 -6.99
CA GLN D 101 4.87 31.03 -5.56
C GLN D 101 4.30 32.28 -4.91
N ARG D 102 3.07 32.63 -5.26
CA ARG D 102 2.47 33.90 -4.86
C ARG D 102 1.97 33.89 -3.42
N ASN D 103 1.35 32.79 -2.98
CA ASN D 103 0.71 32.69 -1.68
C ASN D 103 1.15 31.40 -0.99
N LEU D 104 0.65 31.19 0.23
CA LEU D 104 1.07 30.01 1.00
C LEU D 104 0.70 28.72 0.30
N ASP D 105 -0.47 28.67 -0.34
CA ASP D 105 -0.88 27.45 -1.04
C ASP D 105 0.10 27.11 -2.14
N GLU D 106 0.42 28.09 -2.98
CA GLU D 106 1.31 27.82 -4.11
C GLU D 106 2.72 27.50 -3.63
N ILE D 107 3.18 28.19 -2.59
CA ILE D 107 4.53 27.94 -2.06
C ILE D 107 4.63 26.52 -1.53
N VAL D 108 3.62 26.09 -0.74
CA VAL D 108 3.70 24.75 -0.15
C VAL D 108 3.62 23.69 -1.25
N ALA D 109 2.75 23.91 -2.25
CA ALA D 109 2.66 22.96 -3.36
C ALA D 109 3.97 22.86 -4.10
N LYS D 110 4.69 23.99 -4.25
CA LYS D 110 5.99 23.96 -4.91
C LYS D 110 7.03 23.25 -4.04
N TYR D 111 7.01 23.50 -2.74
CA TYR D 111 7.89 22.79 -1.83
C TYR D 111 7.65 21.29 -1.89
N VAL D 112 6.38 20.89 -1.93
CA VAL D 112 6.01 19.49 -1.93
C VAL D 112 6.50 18.82 -3.21
N GLU D 113 6.36 19.51 -4.35
CA GLU D 113 6.89 18.94 -5.58
C GLU D 113 8.41 18.84 -5.57
N MET D 114 9.09 19.80 -4.93
CA MET D 114 10.56 19.71 -4.90
C MET D 114 11.02 18.59 -3.98
N ASN D 115 10.24 18.29 -2.93
CA ASN D 115 10.57 17.12 -2.11
C ASN D 115 10.34 15.84 -2.90
N ILE D 116 9.26 15.80 -3.69
CA ILE D 116 9.01 14.62 -4.53
C ILE D 116 10.12 14.46 -5.57
N ALA D 117 10.61 15.56 -6.14
CA ALA D 117 11.76 15.47 -7.04
C ALA D 117 12.97 14.89 -6.33
N HIS D 118 13.22 15.29 -5.07
CA HIS D 118 14.30 14.76 -4.26
C HIS D 118 15.62 14.70 -5.03
N PRO D 119 16.07 15.82 -5.59
CA PRO D 119 17.05 15.74 -6.69
C PRO D 119 18.43 15.25 -6.29
N PHE D 120 18.81 15.32 -5.01
CA PHE D 120 20.17 14.93 -4.61
C PHE D 120 20.16 13.54 -3.99
N ARG D 121 21.35 12.92 -3.95
CA ARG D 121 21.43 11.57 -3.38
C ARG D 121 21.15 11.59 -1.89
N GLU D 122 21.57 12.64 -1.19
CA GLU D 122 21.31 12.82 0.23
C GLU D 122 21.28 14.32 0.51
N GLY D 123 20.72 14.71 1.66
CA GLY D 123 20.68 16.11 2.05
C GLY D 123 19.50 16.91 1.51
N ASN D 124 18.51 16.26 0.91
CA ASN D 124 17.37 16.99 0.36
C ASN D 124 16.59 17.72 1.45
N GLY D 125 16.46 17.11 2.63
CA GLY D 125 15.62 17.70 3.65
C GLY D 125 16.17 19.01 4.19
N ARG D 126 17.44 19.00 4.60
CA ARG D 126 18.03 20.21 5.16
C ARG D 126 18.18 21.30 4.10
N ALA D 127 18.59 20.92 2.89
CA ALA D 127 18.84 21.91 1.86
C ALA D 127 17.52 22.53 1.36
N THR D 128 16.48 21.73 1.21
CA THR D 128 15.25 22.27 0.67
C THR D 128 14.51 23.12 1.70
N ARG D 129 14.71 22.86 3.00
CA ARG D 129 14.06 23.69 4.01
C ARG D 129 14.67 25.10 4.06
N ILE D 130 16.00 25.20 3.90
CA ILE D 130 16.60 26.53 3.75
C ILE D 130 16.00 27.25 2.55
N TRP D 131 15.94 26.56 1.42
CA TRP D 131 15.36 27.07 0.18
C TRP D 131 13.92 27.53 0.37
N LEU D 132 13.13 26.76 1.12
CA LEU D 132 11.73 27.13 1.38
C LEU D 132 11.65 28.44 2.16
N ASP D 133 12.42 28.53 3.25
CA ASP D 133 12.41 29.74 4.06
C ASP D 133 12.67 30.98 3.21
N LEU D 134 13.56 30.86 2.22
CA LEU D 134 13.87 32.02 1.35
C LEU D 134 12.69 32.38 0.46
N ILE D 135 11.92 31.39 -0.01
CA ILE D 135 10.71 31.68 -0.78
C ILE D 135 9.69 32.41 0.09
N LEU D 136 9.39 31.85 1.26
CA LEU D 136 8.47 32.49 2.19
C LEU D 136 8.91 33.91 2.52
N LYS D 137 10.21 34.11 2.74
CA LYS D 137 10.74 35.45 3.03
C LYS D 137 10.45 36.43 1.91
N LYS D 138 10.78 36.05 0.67
CA LYS D 138 10.59 36.94 -0.47
C LYS D 138 9.11 37.24 -0.71
N GLU D 139 8.28 36.21 -0.73
CA GLU D 139 6.91 36.34 -1.21
C GLU D 139 5.90 36.70 -0.13
N LEU D 140 6.13 36.28 1.12
CA LEU D 140 5.20 36.54 2.21
C LEU D 140 5.78 37.39 3.33
N LYS D 141 7.08 37.69 3.26
CA LYS D 141 7.80 38.33 4.37
C LYS D 141 7.60 37.55 5.66
N ARG D 142 7.73 36.22 5.57
CA ARG D 142 7.72 35.34 6.73
C ARG D 142 8.80 34.27 6.56
N VAL D 143 9.26 33.71 7.67
CA VAL D 143 10.04 32.47 7.68
C VAL D 143 9.43 31.54 8.72
N VAL D 144 9.83 30.27 8.67
CA VAL D 144 9.33 29.25 9.58
C VAL D 144 10.14 29.30 10.86
N ASP D 145 9.44 29.24 12.01
CA ASP D 145 10.05 28.98 13.31
C ASP D 145 9.98 27.46 13.50
N TRP D 146 11.06 26.76 13.11
CA TRP D 146 10.97 25.31 12.99
C TRP D 146 10.79 24.61 14.32
N ASN D 147 11.20 25.24 15.43
CA ASN D 147 10.97 24.59 16.72
C ASN D 147 9.48 24.45 17.05
N LEU D 148 8.62 25.25 16.41
CA LEU D 148 7.18 25.17 16.58
C LEU D 148 6.55 24.00 15.83
N ILE D 149 7.32 23.28 15.01
CA ILE D 149 6.81 22.13 14.26
C ILE D 149 7.44 20.89 14.85
N ASN D 150 6.62 20.07 15.49
CA ASN D 150 7.10 18.84 16.10
C ASN D 150 7.70 17.92 15.03
N LYS D 151 8.84 17.31 15.36
CA LYS D 151 9.59 16.47 14.43
C LYS D 151 8.74 15.34 13.85
N GLU D 152 8.07 14.58 14.72
CA GLU D 152 7.27 13.49 14.18
C GLU D 152 6.07 14.01 13.38
N ASP D 153 5.45 15.12 13.81
CA ASP D 153 4.41 15.72 12.98
C ASP D 153 4.95 16.11 11.62
N TYR D 154 6.13 16.75 11.59
CA TYR D 154 6.71 17.16 10.31
C TYR D 154 6.96 15.95 9.41
N LEU D 155 7.59 14.91 9.94
CA LEU D 155 7.97 13.81 9.05
C LEU D 155 6.74 13.06 8.52
N SER D 156 5.73 12.85 9.37
CA SER D 156 4.49 12.21 8.89
C SER D 156 3.80 13.08 7.85
N ALA D 157 3.82 14.40 8.05
CA ALA D 157 3.20 15.31 7.09
C ALA D 157 3.89 15.23 5.74
N MET D 158 5.22 15.13 5.72
CA MET D 158 5.90 15.00 4.43
C MET D 158 5.57 13.67 3.76
N GLU D 159 5.51 12.58 4.53
CA GLU D 159 5.14 11.28 3.96
C GLU D 159 3.76 11.34 3.34
N ARG D 160 2.86 12.09 3.96
CA ARG D 160 1.50 12.26 3.46
C ARG D 160 1.48 13.14 2.21
N SER D 161 2.38 14.10 2.13
CA SER D 161 2.20 15.23 1.20
C SER D 161 2.07 14.87 -0.28
N PRO D 162 2.70 13.82 -0.83
CA PRO D 162 2.45 13.51 -2.25
C PRO D 162 1.00 13.20 -2.56
N VAL D 163 0.24 12.75 -1.57
CA VAL D 163 -1.17 12.46 -1.77
C VAL D 163 -2.04 13.68 -1.47
N LYS D 164 -1.82 14.33 -0.31
CA LYS D 164 -2.52 15.56 0.05
C LYS D 164 -1.59 16.40 0.92
N ASP D 165 -1.46 17.71 0.63
CA ASP D 165 -0.53 18.53 1.38
C ASP D 165 -1.18 19.37 2.49
N LEU D 166 -2.42 19.04 2.90
CA LEU D 166 -3.09 19.82 3.94
C LEU D 166 -2.28 19.84 5.24
N GLU D 167 -1.75 18.68 5.68
CA GLU D 167 -1.05 18.59 6.96
C GLU D 167 0.20 19.47 7.00
N ILE D 168 1.07 19.34 6.00
CA ILE D 168 2.29 20.15 5.99
C ILE D 168 1.93 21.63 5.87
N LYS D 169 0.91 21.96 5.06
CA LYS D 169 0.53 23.36 4.90
C LYS D 169 0.09 23.98 6.22
N TYR D 170 -0.69 23.25 7.02
CA TYR D 170 -1.15 23.83 8.29
C TYR D 170 -0.02 23.95 9.28
N LEU D 171 0.90 22.98 9.28
CA LEU D 171 2.06 23.02 10.16
C LEU D 171 2.93 24.23 9.85
N ILE D 172 3.20 24.45 8.56
CA ILE D 172 3.97 25.62 8.16
C ILE D 172 3.22 26.90 8.53
N SER D 173 1.96 27.02 8.09
CA SER D 173 1.16 28.22 8.34
C SER D 173 1.20 28.65 9.80
N ASN D 174 1.03 27.70 10.72
CA ASN D 174 0.97 28.05 12.13
C ASN D 174 2.34 28.32 12.74
N ALA D 175 3.43 28.04 12.04
CA ALA D 175 4.77 28.26 12.57
C ALA D 175 5.47 29.47 11.96
N LEU D 176 4.78 30.21 11.08
CA LEU D 176 5.41 31.33 10.37
C LEU D 176 5.66 32.49 11.33
N THR D 177 6.78 33.17 11.14
CA THR D 177 7.10 34.35 11.94
C THR D 177 7.53 35.49 11.02
N ASP D 178 7.24 36.71 11.45
CA ASP D 178 7.62 37.91 10.72
C ASP D 178 9.10 38.27 10.89
N LYS D 179 9.83 37.55 11.75
CA LYS D 179 11.23 37.84 12.06
C LYS D 179 12.17 37.32 10.97
N ILE D 180 12.02 37.87 9.77
CA ILE D 180 12.72 37.33 8.60
C ILE D 180 14.20 37.68 8.52
N ASN D 181 14.70 38.58 9.36
CA ASN D 181 16.13 38.87 9.37
C ASN D 181 16.76 38.61 10.74
N ASP D 182 16.08 37.85 11.59
CA ASP D 182 16.57 37.53 12.93
C ASP D 182 17.50 36.32 12.86
N ARG D 183 18.77 36.54 13.23
CA ARG D 183 19.79 35.50 13.13
C ARG D 183 19.48 34.33 14.06
N GLU D 184 18.93 34.62 15.22
CA GLU D 184 18.65 33.56 16.20
C GLU D 184 17.60 32.58 15.67
N ILE D 185 16.55 33.10 15.02
CA ILE D 185 15.55 32.25 14.37
C ILE D 185 16.22 31.34 13.35
N PHE D 186 17.11 31.90 12.52
CA PHE D 186 17.79 31.09 11.51
C PHE D 186 18.61 29.98 12.15
N MET D 187 19.46 30.33 13.12
CA MET D 187 20.38 29.35 13.69
C MET D 187 19.61 28.25 14.43
N LYS D 188 18.62 28.63 15.23
CA LYS D 188 17.81 27.63 15.92
C LYS D 188 17.08 26.74 14.93
N GLY D 189 16.59 27.34 13.83
CA GLY D 189 15.96 26.55 12.78
C GLY D 189 16.92 25.57 12.12
N ILE D 190 18.18 25.95 11.95
CA ILE D 190 19.15 25.00 11.41
C ILE D 190 19.33 23.82 12.35
N ASP D 191 19.43 24.08 13.66
CA ASP D 191 19.60 22.97 14.60
C ASP D 191 18.38 22.07 14.64
N ILE D 192 17.17 22.65 14.69
CA ILE D 192 15.96 21.83 14.65
C ILE D 192 15.90 21.04 13.34
N SER D 193 16.22 21.69 12.22
CA SER D 193 16.19 21.03 10.91
C SER D 193 17.09 19.80 10.87
N TYR D 194 18.33 19.93 11.38
CA TYR D 194 19.22 18.78 11.44
C TYR D 194 18.70 17.74 12.42
N TYR D 195 18.01 18.19 13.46
CA TYR D 195 17.45 17.27 14.45
C TYR D 195 16.37 16.38 13.82
N TYR D 196 15.58 16.95 12.90
CA TYR D 196 14.60 16.16 12.14
C TYR D 196 15.23 14.96 11.46
N GLU D 197 16.49 15.08 11.02
CA GLU D 197 17.16 14.09 10.21
C GLU D 197 18.12 13.23 11.00
N GLY D 198 18.15 13.38 12.33
CA GLY D 198 18.94 12.50 13.17
C GLY D 198 20.32 13.00 13.49
N TYR D 199 20.55 14.30 13.45
CA TYR D 199 21.84 14.92 13.80
C TYR D 199 21.58 15.83 14.99
N THR D 200 22.15 15.49 16.16
CA THR D 200 21.90 16.24 17.38
C THR D 200 23.16 16.67 18.12
N GLU D 201 24.35 16.44 17.55
CA GLU D 201 25.59 16.57 18.32
C GLU D 201 25.93 18.02 18.66
N TYR D 202 25.78 18.96 17.72
CA TYR D 202 26.32 20.31 17.91
C TYR D 202 25.23 21.36 17.82
N ASN D 203 25.56 22.56 18.29
CA ASN D 203 24.78 23.76 18.00
C ASN D 203 25.51 24.56 16.92
N VAL D 204 24.79 24.95 15.87
CA VAL D 204 25.43 25.57 14.71
C VAL D 204 26.13 26.88 15.11
N ASP D 205 25.52 27.67 16.00
CA ASP D 205 26.11 28.98 16.28
C ASP D 205 27.35 28.90 17.16
N GLU D 206 27.63 27.74 17.73
CA GLU D 206 28.84 27.50 18.53
C GLU D 206 29.99 26.98 17.71
N LEU D 207 29.80 26.76 16.41
CA LEU D 207 30.88 26.37 15.54
C LEU D 207 31.43 27.61 14.84
N GLU E 10 12.19 -29.61 7.38
CA GLU E 10 10.85 -29.19 7.72
C GLU E 10 9.79 -30.23 7.35
N ASN E 11 10.19 -31.36 6.76
CA ASN E 11 9.21 -32.36 6.35
C ASN E 11 9.66 -33.77 6.74
N LYS E 12 8.66 -34.66 6.79
CA LYS E 12 8.89 -36.06 7.17
C LYS E 12 9.77 -36.80 6.18
N LEU E 13 9.77 -36.39 4.91
CA LEU E 13 10.57 -37.08 3.92
C LEU E 13 12.03 -36.65 3.94
N GLY E 14 12.37 -35.66 4.76
CA GLY E 14 13.74 -35.24 4.88
C GLY E 14 14.35 -34.64 3.63
N ILE E 15 13.54 -34.01 2.78
CA ILE E 15 14.05 -33.41 1.55
C ILE E 15 14.39 -31.95 1.81
N ILE E 16 15.58 -31.54 1.37
CA ILE E 16 16.08 -30.19 1.58
C ILE E 16 16.36 -29.47 0.27
N ASN E 17 16.00 -30.06 -0.86
CA ASN E 17 16.08 -29.41 -2.16
C ASN E 17 14.70 -28.92 -2.57
N GLN E 18 14.58 -27.61 -2.87
CA GLN E 18 13.26 -27.02 -3.06
C GLN E 18 12.55 -27.61 -4.28
N LEU E 19 13.27 -27.83 -5.40
CA LEU E 19 12.61 -28.37 -6.58
C LEU E 19 12.23 -29.83 -6.37
N GLU E 20 13.08 -30.59 -5.68
CA GLU E 20 12.73 -31.97 -5.37
C GLU E 20 11.53 -32.03 -4.45
N LEU E 21 11.48 -31.18 -3.43
CA LEU E 21 10.33 -31.15 -2.55
C LEU E 21 9.05 -30.84 -3.33
N ASN E 22 9.10 -29.81 -4.18
CA ASN E 22 7.96 -29.49 -5.04
C ASN E 22 7.45 -30.72 -5.79
N ARG E 23 8.35 -31.49 -6.42
CA ARG E 23 7.92 -32.60 -7.27
C ARG E 23 7.38 -33.77 -6.43
N VAL E 24 8.07 -34.11 -5.35
CA VAL E 24 7.59 -35.23 -4.53
C VAL E 24 6.29 -34.83 -3.81
N GLU E 25 6.21 -33.59 -3.33
CA GLU E 25 4.94 -33.16 -2.73
C GLU E 25 3.80 -33.27 -3.74
N GLU E 26 4.03 -32.86 -4.99
CA GLU E 26 2.96 -32.96 -5.99
C GLU E 26 2.52 -34.40 -6.16
N ARG E 27 3.47 -35.30 -6.45
CA ARG E 27 3.14 -36.69 -6.70
C ARG E 27 2.45 -37.32 -5.49
N VAL E 28 3.01 -37.10 -4.30
CA VAL E 28 2.49 -37.74 -3.10
C VAL E 28 1.10 -37.21 -2.74
N SER E 29 0.92 -35.88 -2.75
CA SER E 29 -0.39 -35.34 -2.38
C SER E 29 -1.42 -35.62 -3.47
N LYS E 30 -1.02 -35.54 -4.75
CA LYS E 30 -1.95 -35.93 -5.82
C LYS E 30 -2.36 -37.40 -5.70
N GLU E 31 -1.40 -38.28 -5.38
CA GLU E 31 -1.73 -39.68 -5.07
C GLU E 31 -2.81 -39.76 -4.00
N ASN E 32 -2.65 -38.98 -2.93
CA ASN E 32 -3.66 -38.96 -1.88
C ASN E 32 -4.98 -38.41 -2.39
N ALA E 33 -4.93 -37.40 -3.26
CA ALA E 33 -6.16 -36.79 -3.76
C ALA E 33 -6.97 -37.80 -4.59
N LYS E 34 -6.29 -38.57 -5.42
CA LYS E 34 -6.94 -39.61 -6.21
C LYS E 34 -7.68 -40.59 -5.31
N ARG E 35 -7.03 -41.00 -4.22
CA ARG E 35 -7.65 -41.91 -3.26
C ARG E 35 -8.84 -41.26 -2.57
N LEU E 36 -8.69 -40.00 -2.13
CA LEU E 36 -9.81 -39.28 -1.54
C LEU E 36 -11.07 -39.42 -2.38
N TYR E 37 -10.93 -39.29 -3.69
CA TYR E 37 -12.09 -39.35 -4.58
C TYR E 37 -12.53 -40.79 -4.83
N ASP E 38 -11.61 -41.64 -5.32
CA ASP E 38 -12.04 -42.97 -5.75
C ASP E 38 -12.49 -43.82 -4.57
N SER E 39 -11.98 -43.56 -3.37
CA SER E 39 -12.44 -44.32 -2.21
C SER E 39 -13.83 -43.92 -1.75
N GLY E 40 -14.41 -42.86 -2.33
CA GLY E 40 -15.64 -42.33 -1.79
C GLY E 40 -15.48 -41.54 -0.51
N ASP E 41 -14.27 -41.46 0.05
CA ASP E 41 -14.06 -40.74 1.29
C ASP E 41 -14.47 -39.28 1.17
N ILE E 42 -14.38 -38.72 -0.04
CA ILE E 42 -14.69 -37.31 -0.25
C ILE E 42 -16.15 -37.01 0.03
N ASP E 43 -17.04 -38.00 -0.14
CA ASP E 43 -18.47 -37.74 0.07
C ASP E 43 -18.86 -37.79 1.55
N ARG E 44 -17.96 -38.19 2.43
CA ARG E 44 -18.24 -38.27 3.87
C ARG E 44 -17.54 -37.18 4.65
N ILE E 45 -17.22 -36.06 4.03
CA ILE E 45 -16.60 -34.94 4.72
C ILE E 45 -17.70 -33.95 5.11
N GLU E 46 -17.56 -33.34 6.29
CA GLU E 46 -18.45 -32.26 6.65
C GLU E 46 -18.27 -31.10 5.67
N VAL E 47 -19.38 -30.53 5.21
CA VAL E 47 -19.35 -29.53 4.14
C VAL E 47 -19.39 -28.13 4.76
N GLY E 48 -18.39 -27.31 4.43
CA GLY E 48 -18.46 -25.91 4.78
C GLY E 48 -18.00 -25.56 6.17
N THR E 49 -17.27 -26.45 6.83
CA THR E 49 -16.76 -26.18 8.15
C THR E 49 -15.25 -26.33 8.16
N PHE E 50 -14.62 -25.76 9.19
CA PHE E 50 -13.19 -25.98 9.34
C PHE E 50 -12.87 -27.45 9.60
N LYS E 51 -13.77 -28.18 10.28
CA LYS E 51 -13.53 -29.61 10.47
C LYS E 51 -13.30 -30.32 9.14
N GLY E 52 -14.12 -29.98 8.14
CA GLY E 52 -14.01 -30.67 6.88
C GLY E 52 -12.80 -30.24 6.08
N LEU E 53 -12.49 -28.93 6.12
CA LEU E 53 -11.26 -28.45 5.49
C LEU E 53 -10.04 -29.11 6.12
N SER E 54 -10.04 -29.23 7.45
CA SER E 54 -8.93 -29.88 8.15
C SER E 54 -8.78 -31.34 7.73
N TYR E 55 -9.92 -32.03 7.52
CA TYR E 55 -9.88 -33.41 7.06
C TYR E 55 -9.24 -33.51 5.69
N ILE E 56 -9.62 -32.62 4.77
CA ILE E 56 -9.06 -32.60 3.42
C ILE E 56 -7.57 -32.35 3.47
N HIS E 57 -7.16 -31.36 4.26
CA HIS E 57 -5.75 -30.99 4.30
C HIS E 57 -4.90 -32.13 4.83
N ASN E 58 -5.37 -32.79 5.89
CA ASN E 58 -4.62 -33.92 6.43
C ASN E 58 -4.56 -35.08 5.45
N TYR E 59 -5.70 -35.41 4.83
CA TYR E 59 -5.72 -36.44 3.80
C TYR E 59 -4.66 -36.22 2.74
N LEU E 60 -4.54 -34.97 2.26
CA LEU E 60 -3.59 -34.65 1.20
C LEU E 60 -2.15 -34.70 1.70
N PHE E 61 -1.88 -34.21 2.91
CA PHE E 61 -0.52 -33.84 3.25
C PHE E 61 0.12 -34.57 4.43
N GLU E 62 -0.57 -35.49 5.11
CA GLU E 62 0.05 -36.06 6.31
C GLU E 62 1.31 -36.88 6.01
N ASP E 63 1.46 -37.41 4.79
CA ASP E 63 2.70 -38.11 4.45
C ASP E 63 3.92 -37.19 4.47
N ILE E 64 3.71 -35.88 4.29
CA ILE E 64 4.79 -34.97 3.97
C ILE E 64 5.10 -34.06 5.15
N TYR E 65 4.08 -33.40 5.67
CA TYR E 65 4.23 -32.28 6.59
C TYR E 65 3.66 -32.64 7.95
N GLU E 66 4.44 -32.35 9.00
CA GLU E 66 4.07 -32.77 10.35
C GLU E 66 2.77 -32.11 10.81
N PHE E 67 2.50 -30.91 10.32
CA PHE E 67 1.40 -30.08 10.77
C PHE E 67 0.09 -30.36 10.02
N ALA E 68 0.06 -31.36 9.14
CA ALA E 68 -1.09 -31.52 8.25
C ALA E 68 -2.40 -31.56 9.02
N GLY E 69 -3.37 -30.79 8.53
CA GLY E 69 -4.67 -30.69 9.16
C GLY E 69 -4.74 -29.78 10.37
N LYS E 70 -3.62 -29.25 10.85
CA LYS E 70 -3.60 -28.46 12.09
C LYS E 70 -3.45 -26.98 11.79
N VAL E 71 -4.06 -26.15 12.65
CA VAL E 71 -3.92 -24.70 12.51
C VAL E 71 -2.47 -24.31 12.77
N ARG E 72 -1.97 -23.39 11.93
CA ARG E 72 -0.64 -22.82 12.11
C ARG E 72 -0.52 -22.13 13.47
N SER E 73 0.73 -22.01 13.94
CA SER E 73 1.05 -21.21 15.12
C SER E 73 1.92 -20.00 14.80
N GLN E 74 2.41 -19.87 13.57
CA GLN E 74 3.14 -18.71 13.10
C GLN E 74 2.22 -17.81 12.28
N ASN E 75 2.64 -16.54 12.13
CA ASN E 75 1.93 -15.60 11.28
C ASN E 75 2.53 -15.65 9.89
N ILE E 76 1.66 -15.54 8.88
CA ILE E 76 2.10 -15.70 7.51
C ILE E 76 1.53 -14.57 6.68
N SER E 77 2.13 -14.36 5.52
CA SER E 77 1.73 -13.32 4.61
C SER E 77 1.98 -13.83 3.21
N LYS E 78 1.41 -13.15 2.23
CA LYS E 78 1.70 -13.42 0.83
C LYS E 78 1.55 -12.09 0.09
N GLY E 79 2.47 -11.83 -0.84
CA GLY E 79 2.49 -10.52 -1.47
C GLY E 79 2.66 -9.46 -0.38
N ASN E 80 1.73 -8.51 -0.31
CA ASN E 80 1.72 -7.49 0.73
C ASN E 80 0.65 -7.72 1.79
N PHE E 81 -0.01 -8.88 1.79
CA PHE E 81 -1.16 -9.12 2.65
C PHE E 81 -0.78 -9.96 3.86
N ARG E 82 -1.12 -9.48 5.04
CA ARG E 82 -0.95 -10.26 6.26
C ARG E 82 -2.24 -11.01 6.56
N PHE E 83 -2.16 -12.33 6.63
CA PHE E 83 -3.35 -13.13 6.85
C PHE E 83 -3.80 -12.99 8.31
N ALA E 84 -4.93 -13.61 8.63
CA ALA E 84 -5.50 -13.52 9.96
C ALA E 84 -4.44 -13.80 11.02
N PRO E 85 -4.32 -12.96 12.05
CA PRO E 85 -3.34 -13.22 13.12
C PRO E 85 -3.70 -14.47 13.90
N VAL E 86 -2.66 -15.22 14.32
CA VAL E 86 -2.87 -16.47 15.05
C VAL E 86 -3.76 -16.25 16.27
N MET E 87 -3.54 -15.14 16.99
CA MET E 87 -4.25 -14.88 18.24
C MET E 87 -5.77 -14.89 18.07
N TYR E 88 -6.30 -14.67 16.87
CA TYR E 88 -7.74 -14.89 16.75
C TYR E 88 -8.10 -15.82 15.61
N LEU E 89 -7.18 -16.71 15.23
CA LEU E 89 -7.49 -17.73 14.24
C LEU E 89 -8.66 -18.61 14.67
N GLU E 90 -8.66 -19.08 15.92
CA GLU E 90 -9.75 -19.92 16.39
C GLU E 90 -11.10 -19.24 16.27
N ILE E 91 -11.20 -17.99 16.71
CA ILE E 91 -12.48 -17.28 16.63
C ILE E 91 -12.83 -16.95 15.19
N ALA E 92 -11.83 -16.68 14.36
CA ALA E 92 -12.08 -16.47 12.94
C ALA E 92 -12.71 -17.70 12.32
N LEU E 93 -12.19 -18.90 12.65
CA LEU E 93 -12.72 -20.13 12.10
C LEU E 93 -14.10 -20.45 12.64
N GLU E 94 -14.38 -20.11 13.91
CA GLU E 94 -15.75 -20.26 14.40
C GLU E 94 -16.71 -19.35 13.65
N HIS E 95 -16.28 -18.11 13.36
CA HIS E 95 -17.16 -17.23 12.59
C HIS E 95 -17.46 -17.81 11.22
N ILE E 96 -16.43 -18.30 10.53
CA ILE E 96 -16.63 -18.87 9.19
C ILE E 96 -17.58 -20.07 9.27
N ASP E 97 -17.43 -20.90 10.30
CA ASP E 97 -18.31 -22.06 10.45
C ASP E 97 -19.78 -21.65 10.48
N LYS E 98 -20.08 -20.47 11.00
CA LYS E 98 -21.44 -19.95 11.10
C LYS E 98 -21.89 -19.11 9.91
N MET E 99 -21.02 -18.80 8.95
CA MET E 99 -21.46 -17.99 7.83
C MET E 99 -22.41 -18.79 6.93
N PRO E 100 -23.40 -18.13 6.33
CA PRO E 100 -24.33 -18.83 5.45
C PRO E 100 -23.70 -19.21 4.12
N GLN E 101 -24.34 -20.17 3.45
CA GLN E 101 -23.84 -20.68 2.17
C GLN E 101 -25.02 -21.02 1.25
N ARG E 102 -26.07 -20.18 1.26
CA ARG E 102 -27.29 -20.54 0.56
C ARG E 102 -27.21 -20.21 -0.94
N ASN E 103 -26.55 -19.13 -1.33
CA ASN E 103 -26.45 -18.76 -2.72
C ASN E 103 -24.99 -18.49 -3.08
N LEU E 104 -24.72 -18.12 -4.33
CA LEU E 104 -23.34 -17.92 -4.74
C LEU E 104 -22.71 -16.71 -4.05
N ASP E 105 -23.47 -15.63 -3.85
CA ASP E 105 -22.94 -14.46 -3.15
C ASP E 105 -22.38 -14.87 -1.79
N GLU E 106 -23.15 -15.63 -1.02
CA GLU E 106 -22.71 -16.03 0.32
C GLU E 106 -21.62 -17.08 0.26
N ILE E 107 -21.68 -18.00 -0.71
CA ILE E 107 -20.64 -19.03 -0.79
C ILE E 107 -19.29 -18.40 -1.11
N VAL E 108 -19.26 -17.45 -2.05
CA VAL E 108 -17.99 -16.82 -2.38
C VAL E 108 -17.49 -15.98 -1.19
N ALA E 109 -18.41 -15.28 -0.51
CA ALA E 109 -18.03 -14.55 0.70
C ALA E 109 -17.37 -15.46 1.71
N LYS E 110 -17.93 -16.66 1.91
CA LYS E 110 -17.40 -17.58 2.90
C LYS E 110 -16.05 -18.14 2.48
N TYR E 111 -15.90 -18.45 1.19
CA TYR E 111 -14.61 -18.87 0.64
C TYR E 111 -13.54 -17.80 0.86
N VAL E 112 -13.91 -16.54 0.60
CA VAL E 112 -12.96 -15.43 0.72
C VAL E 112 -12.51 -15.26 2.16
N GLU E 113 -13.44 -15.41 3.11
CA GLU E 113 -13.05 -15.33 4.51
C GLU E 113 -12.19 -16.52 4.90
N MET E 114 -12.45 -17.70 4.35
CA MET E 114 -11.60 -18.84 4.68
C MET E 114 -10.18 -18.67 4.14
N ASN E 115 -10.04 -18.02 2.97
CA ASN E 115 -8.69 -17.72 2.47
C ASN E 115 -7.99 -16.68 3.35
N ILE E 116 -8.73 -15.67 3.84
CA ILE E 116 -8.11 -14.68 4.73
C ILE E 116 -7.62 -15.35 6.00
N ALA E 117 -8.41 -16.27 6.55
CA ALA E 117 -7.97 -17.06 7.71
C ALA E 117 -6.71 -17.85 7.40
N HIS E 118 -6.64 -18.45 6.21
CA HIS E 118 -5.43 -19.13 5.75
C HIS E 118 -4.93 -20.07 6.84
N PRO E 119 -5.76 -21.00 7.29
CA PRO E 119 -5.50 -21.63 8.59
C PRO E 119 -4.26 -22.53 8.67
N PHE E 120 -3.75 -23.07 7.56
CA PHE E 120 -2.62 -23.99 7.61
C PHE E 120 -1.30 -23.30 7.28
N ARG E 121 -0.20 -23.94 7.71
CA ARG E 121 1.12 -23.40 7.38
C ARG E 121 1.38 -23.38 5.89
N GLU E 122 0.84 -24.36 5.15
CA GLU E 122 0.93 -24.42 3.70
C GLU E 122 -0.22 -25.26 3.19
N GLY E 123 -0.40 -25.29 1.88
CA GLY E 123 -1.49 -26.03 1.28
C GLY E 123 -2.87 -25.40 1.36
N ASN E 124 -2.96 -24.11 1.73
CA ASN E 124 -4.28 -23.50 1.86
C ASN E 124 -5.00 -23.42 0.53
N GLY E 125 -4.28 -23.06 -0.54
CA GLY E 125 -4.94 -22.87 -1.83
C GLY E 125 -5.58 -24.15 -2.33
N ARG E 126 -4.79 -25.23 -2.41
CA ARG E 126 -5.30 -26.49 -2.95
C ARG E 126 -6.37 -27.11 -2.07
N ALA E 127 -6.18 -27.11 -0.74
CA ALA E 127 -7.19 -27.76 0.11
C ALA E 127 -8.49 -26.98 0.10
N THR E 128 -8.43 -25.64 0.08
CA THR E 128 -9.68 -24.89 0.23
C THR E 128 -10.49 -24.89 -1.07
N ARG E 129 -9.83 -25.03 -2.23
CA ARG E 129 -10.59 -25.14 -3.48
C ARG E 129 -11.39 -26.44 -3.52
N ILE E 130 -10.80 -27.55 -3.04
CA ILE E 130 -11.57 -28.79 -2.90
C ILE E 130 -12.78 -28.55 -2.01
N TRP E 131 -12.53 -27.93 -0.85
CA TRP E 131 -13.56 -27.57 0.11
C TRP E 131 -14.64 -26.69 -0.51
N LEU E 132 -14.24 -25.72 -1.33
CA LEU E 132 -15.21 -24.85 -2.02
C LEU E 132 -16.10 -25.66 -2.95
N ASP E 133 -15.51 -26.51 -3.78
CA ASP E 133 -16.30 -27.32 -4.70
C ASP E 133 -17.35 -28.14 -3.96
N LEU E 134 -17.01 -28.70 -2.80
CA LEU E 134 -17.99 -29.44 -2.00
C LEU E 134 -19.12 -28.56 -1.48
N ILE E 135 -18.87 -27.27 -1.18
CA ILE E 135 -19.95 -26.37 -0.80
C ILE E 135 -20.84 -26.08 -2.01
N LEU E 136 -20.24 -25.71 -3.13
CA LEU E 136 -21.02 -25.45 -4.34
C LEU E 136 -21.87 -26.66 -4.73
N LYS E 137 -21.29 -27.86 -4.65
CA LYS E 137 -22.02 -29.07 -5.01
C LYS E 137 -23.23 -29.28 -4.13
N LYS E 138 -23.10 -29.08 -2.81
CA LYS E 138 -24.22 -29.33 -1.90
C LYS E 138 -25.31 -28.28 -2.04
N GLU E 139 -24.94 -27.02 -2.24
CA GLU E 139 -25.92 -25.95 -2.16
C GLU E 139 -26.43 -25.48 -3.51
N LEU E 140 -25.63 -25.55 -4.57
CA LEU E 140 -26.04 -25.10 -5.89
C LEU E 140 -26.06 -26.22 -6.92
N LYS E 141 -25.69 -27.44 -6.53
CA LYS E 141 -25.52 -28.56 -7.46
C LYS E 141 -24.67 -28.15 -8.66
N ARG E 142 -23.57 -27.46 -8.35
CA ARG E 142 -22.57 -27.09 -9.33
C ARG E 142 -21.20 -27.34 -8.73
N VAL E 143 -20.20 -27.49 -9.59
CA VAL E 143 -18.80 -27.42 -9.21
C VAL E 143 -18.10 -26.48 -10.20
N VAL E 144 -16.86 -26.11 -9.87
CA VAL E 144 -16.05 -25.26 -10.74
C VAL E 144 -15.34 -26.13 -11.77
N ASP E 145 -15.41 -25.72 -13.03
CA ASP E 145 -14.53 -26.27 -14.07
C ASP E 145 -13.30 -25.37 -14.10
N TRP E 146 -12.26 -25.77 -13.35
CA TRP E 146 -11.16 -24.85 -13.06
C TRP E 146 -10.37 -24.44 -14.29
N ASN E 147 -10.28 -25.28 -15.33
CA ASN E 147 -9.55 -24.80 -16.52
C ASN E 147 -10.23 -23.60 -17.16
N LEU E 148 -11.51 -23.35 -16.86
CA LEU E 148 -12.18 -22.16 -17.35
C LEU E 148 -11.81 -20.91 -16.56
N ILE E 149 -10.94 -21.04 -15.56
CA ILE E 149 -10.39 -19.92 -14.84
C ILE E 149 -8.89 -19.86 -15.14
N ASN E 150 -8.48 -18.79 -15.83
CA ASN E 150 -7.07 -18.53 -16.10
C ASN E 150 -6.30 -18.34 -14.80
N LYS E 151 -5.09 -18.92 -14.74
CA LYS E 151 -4.25 -18.87 -13.54
C LYS E 151 -4.00 -17.44 -13.05
N GLU E 152 -3.52 -16.57 -13.94
CA GLU E 152 -3.19 -15.23 -13.47
C GLU E 152 -4.44 -14.43 -13.08
N ASP E 153 -5.56 -14.62 -13.81
CA ASP E 153 -6.81 -14.00 -13.37
C ASP E 153 -7.19 -14.48 -11.97
N TYR E 154 -7.06 -15.79 -11.73
CA TYR E 154 -7.44 -16.34 -10.43
C TYR E 154 -6.58 -15.77 -9.31
N LEU E 155 -5.26 -15.81 -9.48
CA LEU E 155 -4.39 -15.34 -8.41
C LEU E 155 -4.60 -13.86 -8.12
N SER E 156 -4.77 -13.05 -9.15
CA SER E 156 -4.96 -11.63 -8.92
C SER E 156 -6.31 -11.35 -8.26
N ALA E 157 -7.35 -12.12 -8.64
CA ALA E 157 -8.65 -11.99 -8.02
C ALA E 157 -8.61 -12.34 -6.54
N MET E 158 -7.86 -13.37 -6.16
CA MET E 158 -7.72 -13.68 -4.73
C MET E 158 -6.97 -12.56 -4.00
N GLU E 159 -5.94 -11.98 -4.64
CA GLU E 159 -5.22 -10.88 -4.00
C GLU E 159 -6.16 -9.69 -3.74
N ARG E 160 -7.08 -9.45 -4.67
CA ARG E 160 -8.06 -8.37 -4.54
C ARG E 160 -9.16 -8.69 -3.52
N SER E 161 -9.46 -9.98 -3.33
CA SER E 161 -10.69 -10.38 -2.66
C SER E 161 -10.86 -9.92 -1.21
N PRO E 162 -9.80 -9.71 -0.40
CA PRO E 162 -10.07 -9.17 0.96
C PRO E 162 -10.69 -7.79 0.93
N VAL E 163 -10.44 -6.99 -0.10
CA VAL E 163 -11.04 -5.67 -0.20
C VAL E 163 -12.40 -5.73 -0.91
N LYS E 164 -12.46 -6.38 -2.07
CA LYS E 164 -13.71 -6.60 -2.80
C LYS E 164 -13.68 -7.96 -3.50
N ASP E 165 -14.75 -8.75 -3.38
CA ASP E 165 -14.73 -10.10 -3.94
C ASP E 165 -15.39 -10.20 -5.32
N LEU E 166 -15.65 -9.07 -5.97
CA LEU E 166 -16.30 -9.06 -7.28
C LEU E 166 -15.53 -9.91 -8.31
N GLU E 167 -14.21 -9.72 -8.40
CA GLU E 167 -13.41 -10.40 -9.42
C GLU E 167 -13.53 -11.91 -9.30
N ILE E 168 -13.30 -12.45 -8.09
CA ILE E 168 -13.30 -13.89 -7.94
C ILE E 168 -14.72 -14.44 -8.11
N LYS E 169 -15.73 -13.68 -7.66
CA LYS E 169 -17.11 -14.14 -7.81
C LYS E 169 -17.49 -14.30 -9.28
N TYR E 170 -17.12 -13.31 -10.10
CA TYR E 170 -17.36 -13.40 -11.54
C TYR E 170 -16.67 -14.61 -12.15
N LEU E 171 -15.40 -14.84 -11.78
CA LEU E 171 -14.65 -15.95 -12.38
C LEU E 171 -15.27 -17.29 -12.01
N ILE E 172 -15.66 -17.46 -10.75
CA ILE E 172 -16.29 -18.71 -10.32
C ILE E 172 -17.63 -18.89 -11.01
N SER E 173 -18.48 -17.84 -11.01
CA SER E 173 -19.81 -17.94 -11.60
C SER E 173 -19.76 -18.36 -13.06
N ASN E 174 -18.84 -17.78 -13.83
CA ASN E 174 -18.75 -18.08 -15.25
C ASN E 174 -18.08 -19.42 -15.53
N ALA E 175 -17.56 -20.10 -14.51
CA ALA E 175 -16.93 -21.40 -14.69
C ALA E 175 -17.70 -22.54 -14.05
N LEU E 176 -18.85 -22.27 -13.44
CA LEU E 176 -19.64 -23.33 -12.82
C LEU E 176 -20.14 -24.32 -13.87
N THR E 177 -20.19 -25.61 -13.49
CA THR E 177 -20.69 -26.68 -14.33
C THR E 177 -21.64 -27.54 -13.50
N ASP E 178 -22.61 -28.16 -14.17
CA ASP E 178 -23.53 -29.01 -13.42
C ASP E 178 -23.05 -30.46 -13.35
N LYS E 179 -21.89 -30.77 -13.93
CA LYS E 179 -21.37 -32.13 -13.97
C LYS E 179 -20.70 -32.44 -12.62
N ILE E 180 -21.54 -32.50 -11.60
CA ILE E 180 -21.05 -32.57 -10.22
C ILE E 180 -20.59 -33.95 -9.82
N ASN E 181 -20.82 -34.97 -10.64
CA ASN E 181 -20.32 -36.32 -10.34
C ASN E 181 -19.39 -36.82 -11.42
N ASP E 182 -18.86 -35.91 -12.23
CA ASP E 182 -18.01 -36.24 -13.37
C ASP E 182 -16.57 -36.38 -12.87
N ARG E 183 -16.03 -37.60 -12.94
CA ARG E 183 -14.72 -37.87 -12.38
C ARG E 183 -13.62 -37.11 -13.12
N GLU E 184 -13.80 -36.87 -14.41
CA GLU E 184 -12.75 -36.16 -15.14
C GLU E 184 -12.76 -34.67 -14.82
N ILE E 185 -13.94 -34.08 -14.61
CA ILE E 185 -14.02 -32.70 -14.13
C ILE E 185 -13.26 -32.56 -12.80
N PHE E 186 -13.42 -33.53 -11.91
CA PHE E 186 -12.71 -33.45 -10.64
C PHE E 186 -11.20 -33.60 -10.83
N MET E 187 -10.77 -34.61 -11.58
CA MET E 187 -9.34 -34.88 -11.68
C MET E 187 -8.61 -33.77 -12.41
N LYS E 188 -9.21 -33.27 -13.49
CA LYS E 188 -8.59 -32.16 -14.21
C LYS E 188 -8.60 -30.90 -13.35
N GLY E 189 -9.61 -30.75 -12.49
CA GLY E 189 -9.62 -29.64 -11.57
C GLY E 189 -8.50 -29.71 -10.56
N ILE E 190 -8.16 -30.93 -10.10
CA ILE E 190 -7.00 -31.09 -9.25
C ILE E 190 -5.74 -30.63 -9.98
N ASP E 191 -5.55 -31.08 -11.23
CA ASP E 191 -4.34 -30.72 -11.96
C ASP E 191 -4.26 -29.22 -12.20
N ILE E 192 -5.38 -28.59 -12.56
CA ILE E 192 -5.35 -27.15 -12.80
C ILE E 192 -5.10 -26.39 -11.50
N SER E 193 -5.75 -26.83 -10.42
CA SER E 193 -5.56 -26.22 -9.11
C SER E 193 -4.09 -26.30 -8.67
N TYR E 194 -3.43 -27.43 -8.91
CA TYR E 194 -2.02 -27.55 -8.61
C TYR E 194 -1.19 -26.69 -9.54
N TYR E 195 -1.60 -26.61 -10.81
CA TYR E 195 -0.93 -25.71 -11.74
C TYR E 195 -0.96 -24.27 -11.25
N TYR E 196 -2.07 -23.82 -10.65
CA TYR E 196 -2.14 -22.46 -10.12
C TYR E 196 -0.99 -22.18 -9.16
N GLU E 197 -0.62 -23.18 -8.36
CA GLU E 197 0.37 -23.04 -7.31
C GLU E 197 1.77 -23.46 -7.76
N GLY E 198 1.97 -23.71 -9.05
CA GLY E 198 3.28 -24.02 -9.56
C GLY E 198 3.71 -25.47 -9.47
N TYR E 199 2.78 -26.41 -9.48
CA TYR E 199 3.08 -27.84 -9.56
C TYR E 199 2.56 -28.32 -10.90
N THR E 200 3.47 -28.76 -11.80
CA THR E 200 3.03 -29.11 -13.16
C THR E 200 3.58 -30.45 -13.67
N GLU E 201 4.17 -31.30 -12.83
CA GLU E 201 4.85 -32.45 -13.41
C GLU E 201 3.90 -33.60 -13.75
N TYR E 202 2.89 -33.86 -12.93
CA TYR E 202 2.09 -35.08 -13.07
C TYR E 202 0.64 -34.77 -13.42
N ASN E 203 -0.05 -35.79 -13.93
CA ASN E 203 -1.50 -35.82 -14.00
C ASN E 203 -2.00 -36.75 -12.90
N VAL E 204 -2.84 -36.24 -12.00
CA VAL E 204 -3.34 -37.04 -10.88
C VAL E 204 -3.94 -38.34 -11.38
N ASP E 205 -4.59 -38.26 -12.54
CA ASP E 205 -5.26 -39.41 -13.16
C ASP E 205 -4.34 -40.61 -13.34
N GLU E 206 -3.08 -40.36 -13.74
CA GLU E 206 -2.14 -41.40 -14.08
C GLU E 206 -1.33 -41.88 -12.89
N LEU E 207 -1.59 -41.35 -11.69
CA LEU E 207 -0.97 -41.90 -10.51
C LEU E 207 -1.95 -42.89 -9.89
N HIS F 5 -2.96 -14.88 -29.88
CA HIS F 5 -1.80 -14.89 -30.77
C HIS F 5 -0.49 -14.87 -29.96
N HIS F 6 -0.52 -14.32 -28.75
CA HIS F 6 0.69 -14.25 -27.94
C HIS F 6 1.30 -15.63 -27.69
N HIS F 7 0.46 -16.64 -27.36
CA HIS F 7 0.93 -18.02 -27.20
C HIS F 7 0.77 -18.73 -28.54
N MET F 8 1.85 -18.80 -29.32
CA MET F 8 1.73 -19.31 -30.67
C MET F 8 1.52 -20.82 -30.75
N LEU F 9 1.63 -21.56 -29.63
CA LEU F 9 1.35 -22.98 -29.63
C LEU F 9 -0.04 -23.28 -29.09
N GLU F 10 -0.92 -22.28 -29.06
CA GLU F 10 -2.20 -22.40 -28.35
C GLU F 10 -3.07 -23.51 -28.94
N ASN F 11 -3.02 -23.69 -30.26
CA ASN F 11 -3.99 -24.52 -30.97
C ASN F 11 -3.37 -25.81 -31.51
N LYS F 12 -2.19 -26.18 -31.03
CA LYS F 12 -1.50 -27.35 -31.54
C LYS F 12 -2.14 -28.64 -31.01
N LEU F 13 -1.68 -29.76 -31.56
CA LEU F 13 -2.20 -31.08 -31.19
C LEU F 13 -1.94 -31.36 -29.71
N GLY F 14 -2.99 -31.79 -29.02
CA GLY F 14 -2.86 -32.14 -27.62
C GLY F 14 -2.73 -30.97 -26.67
N ILE F 15 -2.85 -29.73 -27.16
CA ILE F 15 -2.70 -28.56 -26.30
C ILE F 15 -4.08 -28.05 -25.93
N ILE F 16 -4.76 -28.78 -25.03
CA ILE F 16 -6.18 -28.58 -24.80
C ILE F 16 -6.49 -27.79 -23.54
N ASN F 17 -5.50 -27.50 -22.69
CA ASN F 17 -5.75 -26.74 -21.49
C ASN F 17 -4.51 -25.94 -21.08
N GLN F 18 -4.69 -25.11 -20.06
CA GLN F 18 -3.62 -24.22 -19.62
C GLN F 18 -2.39 -25.00 -19.19
N LEU F 19 -2.60 -26.16 -18.56
CA LEU F 19 -1.48 -26.95 -18.08
C LEU F 19 -0.70 -27.54 -19.24
N GLU F 20 -1.41 -28.05 -20.25
CA GLU F 20 -0.71 -28.61 -21.40
C GLU F 20 0.07 -27.55 -22.17
N LEU F 21 -0.47 -26.33 -22.23
CA LEU F 21 0.27 -25.26 -22.90
C LEU F 21 1.52 -24.90 -22.12
N ASN F 22 1.38 -24.73 -20.80
CA ASN F 22 2.51 -24.54 -19.90
C ASN F 22 3.63 -25.57 -20.15
N ARG F 23 3.27 -26.86 -20.26
CA ARG F 23 4.27 -27.92 -20.39
C ARG F 23 5.00 -27.87 -21.73
N VAL F 24 4.27 -27.67 -22.83
CA VAL F 24 4.97 -27.63 -24.11
C VAL F 24 5.82 -26.39 -24.20
N GLU F 25 5.38 -25.29 -23.58
CA GLU F 25 6.22 -24.11 -23.56
C GLU F 25 7.46 -24.33 -22.71
N GLU F 26 7.34 -25.11 -21.64
CA GLU F 26 8.52 -25.47 -20.85
C GLU F 26 9.48 -26.34 -21.66
N ARG F 27 8.97 -27.38 -22.32
CA ARG F 27 9.86 -28.30 -23.04
C ARG F 27 10.60 -27.58 -24.16
N VAL F 28 9.88 -26.83 -25.00
CA VAL F 28 10.51 -26.25 -26.18
C VAL F 28 11.56 -25.21 -25.80
N SER F 29 11.25 -24.33 -24.84
CA SER F 29 12.22 -23.29 -24.49
C SER F 29 13.37 -23.83 -23.66
N LYS F 30 13.17 -24.88 -22.86
CA LYS F 30 14.29 -25.50 -22.16
C LYS F 30 15.24 -26.22 -23.15
N GLU F 31 14.68 -26.88 -24.16
CA GLU F 31 15.49 -27.40 -25.26
C GLU F 31 16.35 -26.29 -25.86
N ASN F 32 15.78 -25.10 -26.04
CA ASN F 32 16.54 -23.97 -26.56
C ASN F 32 17.62 -23.51 -25.58
N ALA F 33 17.28 -23.46 -24.29
CA ALA F 33 18.26 -23.06 -23.27
C ALA F 33 19.45 -24.01 -23.23
N LYS F 34 19.20 -25.31 -23.38
CA LYS F 34 20.28 -26.29 -23.38
C LYS F 34 21.23 -26.07 -24.55
N ARG F 35 20.66 -25.92 -25.76
CA ARG F 35 21.47 -25.64 -26.94
C ARG F 35 22.21 -24.31 -26.79
N LEU F 36 21.55 -23.29 -26.24
CA LEU F 36 22.20 -22.00 -25.99
C LEU F 36 23.54 -22.17 -25.28
N TYR F 37 23.59 -23.05 -24.28
CA TYR F 37 24.83 -23.25 -23.53
C TYR F 37 25.76 -24.26 -24.21
N ASP F 38 25.23 -25.40 -24.62
CA ASP F 38 26.09 -26.49 -25.10
C ASP F 38 26.67 -26.20 -26.49
N SER F 39 26.05 -25.31 -27.26
CA SER F 39 26.59 -24.92 -28.56
C SER F 39 27.70 -23.89 -28.46
N GLY F 40 27.87 -23.24 -27.31
CA GLY F 40 28.71 -22.06 -27.23
C GLY F 40 28.05 -20.77 -27.68
N ASP F 41 26.80 -20.80 -28.16
CA ASP F 41 26.14 -19.54 -28.57
C ASP F 41 26.06 -18.54 -27.43
N ILE F 42 25.90 -19.02 -26.19
CA ILE F 42 25.73 -18.11 -25.06
C ILE F 42 26.97 -17.24 -24.87
N ASP F 43 28.13 -17.75 -25.27
CA ASP F 43 29.39 -17.07 -25.06
C ASP F 43 29.63 -15.94 -26.04
N ARG F 44 28.81 -15.82 -27.10
CA ARG F 44 28.97 -14.74 -28.07
C ARG F 44 28.02 -13.56 -27.83
N ILE F 45 27.08 -13.65 -26.89
CA ILE F 45 26.09 -12.61 -26.69
C ILE F 45 26.75 -11.37 -26.09
N GLU F 46 26.37 -10.21 -26.59
CA GLU F 46 26.77 -8.95 -25.96
C GLU F 46 26.24 -8.90 -24.52
N VAL F 47 27.11 -8.52 -23.57
CA VAL F 47 26.81 -8.59 -22.14
C VAL F 47 26.29 -7.25 -21.65
N GLY F 48 25.20 -7.25 -20.89
CA GLY F 48 24.77 -6.07 -20.16
C GLY F 48 23.98 -5.04 -20.93
N THR F 49 23.51 -5.36 -22.13
CA THR F 49 22.72 -4.42 -22.93
C THR F 49 21.36 -5.03 -23.25
N PHE F 50 20.39 -4.18 -23.59
CA PHE F 50 19.11 -4.71 -24.04
C PHE F 50 19.24 -5.53 -25.33
N LYS F 51 20.19 -5.17 -26.21
CA LYS F 51 20.44 -6.00 -27.38
C LYS F 51 20.80 -7.43 -26.99
N GLY F 52 21.61 -7.59 -25.95
CA GLY F 52 21.91 -8.92 -25.45
C GLY F 52 20.70 -9.63 -24.87
N LEU F 53 19.92 -8.91 -24.05
CA LEU F 53 18.72 -9.51 -23.46
C LEU F 53 17.73 -9.95 -24.54
N SER F 54 17.53 -9.14 -25.59
CA SER F 54 16.56 -9.57 -26.60
C SER F 54 17.05 -10.79 -27.37
N TYR F 55 18.36 -10.92 -27.57
CA TYR F 55 18.87 -12.13 -28.20
C TYR F 55 18.57 -13.37 -27.35
N ILE F 56 18.78 -13.29 -26.03
CA ILE F 56 18.44 -14.39 -25.13
C ILE F 56 16.96 -14.70 -25.23
N HIS F 57 16.11 -13.68 -25.10
CA HIS F 57 14.67 -13.89 -25.11
C HIS F 57 14.21 -14.50 -26.43
N ASN F 58 14.72 -13.99 -27.55
CA ASN F 58 14.38 -14.59 -28.83
C ASN F 58 14.92 -16.01 -28.94
N TYR F 59 16.15 -16.25 -28.47
CA TYR F 59 16.70 -17.61 -28.50
C TYR F 59 15.81 -18.58 -27.74
N LEU F 60 15.28 -18.19 -26.58
CA LEU F 60 14.46 -19.10 -25.79
C LEU F 60 13.05 -19.26 -26.34
N PHE F 61 12.44 -18.16 -26.78
CA PHE F 61 10.99 -18.14 -27.00
C PHE F 61 10.57 -17.87 -28.43
N GLU F 62 11.50 -17.75 -29.39
CA GLU F 62 11.13 -17.72 -30.80
C GLU F 62 10.22 -18.92 -31.13
N ASP F 63 9.13 -18.66 -31.83
CA ASP F 63 8.15 -19.68 -32.18
C ASP F 63 7.41 -20.24 -30.96
N ILE F 64 7.57 -19.65 -29.79
CA ILE F 64 6.71 -19.90 -28.64
C ILE F 64 5.88 -18.66 -28.27
N TYR F 65 6.53 -17.52 -28.14
CA TYR F 65 5.83 -16.26 -27.92
C TYR F 65 5.84 -15.46 -29.21
N GLU F 66 4.68 -14.98 -29.63
CA GLU F 66 4.66 -13.98 -30.68
C GLU F 66 5.52 -12.80 -30.21
N PHE F 67 6.34 -12.27 -31.12
CA PHE F 67 7.17 -11.10 -30.85
C PHE F 67 8.27 -11.37 -29.83
N ALA F 68 8.68 -12.63 -29.64
CA ALA F 68 9.86 -12.93 -28.84
C ALA F 68 11.02 -12.03 -29.25
N GLY F 69 11.73 -11.51 -28.25
CA GLY F 69 12.82 -10.60 -28.50
C GLY F 69 12.44 -9.15 -28.74
N LYS F 70 11.15 -8.84 -28.87
CA LYS F 70 10.67 -7.50 -29.20
C LYS F 70 10.00 -6.86 -27.99
N VAL F 71 10.11 -5.54 -27.88
CA VAL F 71 9.47 -4.83 -26.76
C VAL F 71 7.95 -4.94 -26.87
N ARG F 72 7.30 -5.06 -25.72
CA ARG F 72 5.85 -5.11 -25.63
C ARG F 72 5.24 -3.79 -26.09
N SER F 73 3.98 -3.85 -26.51
CA SER F 73 3.24 -2.65 -26.87
C SER F 73 2.13 -2.33 -25.89
N GLN F 74 1.91 -3.17 -24.88
CA GLN F 74 0.90 -2.99 -23.86
C GLN F 74 1.57 -2.72 -22.52
N ASN F 75 0.87 -1.99 -21.66
CA ASN F 75 1.29 -1.84 -20.27
C ASN F 75 0.96 -3.14 -19.52
N ILE F 76 1.74 -3.43 -18.48
CA ILE F 76 1.56 -4.68 -17.74
C ILE F 76 1.83 -4.43 -16.25
N SER F 77 1.31 -5.34 -15.44
CA SER F 77 1.46 -5.27 -14.00
C SER F 77 1.57 -6.68 -13.44
N LYS F 78 1.99 -6.76 -12.18
CA LYS F 78 2.08 -8.03 -11.47
C LYS F 78 1.91 -7.74 -10.00
N GLY F 79 0.99 -8.47 -9.34
CA GLY F 79 0.67 -8.15 -7.96
C GLY F 79 0.05 -6.77 -7.90
N ASN F 80 0.61 -5.87 -7.10
CA ASN F 80 0.16 -4.48 -7.08
C ASN F 80 1.10 -3.54 -7.81
N PHE F 81 2.01 -4.05 -8.65
CA PHE F 81 3.07 -3.22 -9.21
C PHE F 81 2.85 -2.98 -10.69
N ARG F 82 2.91 -1.72 -11.10
CA ARG F 82 2.85 -1.31 -12.49
C ARG F 82 4.28 -1.15 -13.03
N PHE F 83 4.63 -1.94 -14.04
CA PHE F 83 5.96 -1.84 -14.62
C PHE F 83 6.08 -0.57 -15.47
N ALA F 84 7.29 -0.30 -15.96
CA ALA F 84 7.54 0.94 -16.68
C ALA F 84 6.52 1.16 -17.80
N PRO F 85 5.97 2.37 -17.94
CA PRO F 85 5.01 2.64 -19.02
C PRO F 85 5.60 2.41 -20.40
N VAL F 86 4.78 1.84 -21.29
CA VAL F 86 5.17 1.61 -22.68
C VAL F 86 5.63 2.90 -23.34
N MET F 87 4.98 4.02 -23.00
CA MET F 87 5.25 5.27 -23.72
C MET F 87 6.72 5.68 -23.64
N TYR F 88 7.43 5.33 -22.56
CA TYR F 88 8.85 5.64 -22.51
C TYR F 88 9.73 4.39 -22.35
N LEU F 89 9.25 3.22 -22.77
CA LEU F 89 9.99 2.00 -22.52
C LEU F 89 11.34 2.02 -23.24
N GLU F 90 11.35 2.39 -24.52
CA GLU F 90 12.60 2.37 -25.28
C GLU F 90 13.63 3.33 -24.70
N ILE F 91 13.19 4.45 -24.14
CA ILE F 91 14.16 5.35 -23.53
C ILE F 91 14.64 4.80 -22.19
N ALA F 92 13.76 4.13 -21.45
CA ALA F 92 14.17 3.46 -20.23
C ALA F 92 15.26 2.42 -20.49
N LEU F 93 15.12 1.64 -21.57
CA LEU F 93 16.13 0.64 -21.89
C LEU F 93 17.44 1.29 -22.32
N GLU F 94 17.36 2.45 -22.99
CA GLU F 94 18.59 3.17 -23.31
C GLU F 94 19.31 3.66 -22.07
N HIS F 95 18.55 4.09 -21.05
CA HIS F 95 19.19 4.50 -19.80
C HIS F 95 19.80 3.31 -19.07
N ILE F 96 19.12 2.16 -19.08
CA ILE F 96 19.70 0.96 -18.46
C ILE F 96 20.99 0.58 -19.18
N ASP F 97 21.01 0.70 -20.50
CA ASP F 97 22.22 0.37 -21.26
C ASP F 97 23.44 1.15 -20.76
N LYS F 98 23.24 2.36 -20.26
CA LYS F 98 24.34 3.21 -19.82
C LYS F 98 24.68 3.06 -18.34
N MET F 99 23.93 2.26 -17.58
CA MET F 99 24.21 2.13 -16.15
C MET F 99 25.52 1.39 -15.93
N PRO F 100 26.31 1.76 -14.93
CA PRO F 100 27.57 1.05 -14.67
C PRO F 100 27.30 -0.34 -14.11
N GLN F 101 28.33 -1.19 -14.17
CA GLN F 101 28.21 -2.56 -13.70
C GLN F 101 29.55 -3.06 -13.16
N ARG F 102 30.27 -2.20 -12.44
CA ARG F 102 31.62 -2.55 -12.00
C ARG F 102 31.62 -3.45 -10.76
N ASN F 103 30.68 -3.26 -9.84
CA ASN F 103 30.67 -4.03 -8.61
C ASN F 103 29.26 -4.59 -8.40
N LEU F 104 29.07 -5.33 -7.31
CA LEU F 104 27.77 -5.97 -7.06
C LEU F 104 26.66 -4.94 -6.82
N ASP F 105 26.93 -3.88 -6.06
CA ASP F 105 25.89 -2.87 -5.84
C ASP F 105 25.35 -2.37 -7.16
N GLU F 106 26.25 -2.03 -8.08
CA GLU F 106 25.83 -1.47 -9.36
C GLU F 106 25.14 -2.52 -10.22
N ILE F 107 25.63 -3.75 -10.21
CA ILE F 107 25.04 -4.79 -11.06
C ILE F 107 23.63 -5.10 -10.60
N VAL F 108 23.41 -5.20 -9.29
CA VAL F 108 22.07 -5.48 -8.79
C VAL F 108 21.13 -4.32 -9.09
N ALA F 109 21.62 -3.07 -8.98
CA ALA F 109 20.76 -1.94 -9.33
C ALA F 109 20.35 -1.99 -10.79
N LYS F 110 21.29 -2.37 -11.67
CA LYS F 110 20.99 -2.50 -13.10
C LYS F 110 19.98 -3.62 -13.36
N TYR F 111 20.17 -4.77 -12.70
CA TYR F 111 19.17 -5.85 -12.80
C TYR F 111 17.79 -5.37 -12.34
N VAL F 112 17.74 -4.65 -11.21
CA VAL F 112 16.46 -4.22 -10.64
C VAL F 112 15.76 -3.23 -11.58
N GLU F 113 16.53 -2.36 -12.24
CA GLU F 113 15.91 -1.46 -13.20
C GLU F 113 15.43 -2.20 -14.44
N MET F 114 16.16 -3.24 -14.88
CA MET F 114 15.71 -4.01 -16.02
C MET F 114 14.45 -4.80 -15.69
N ASN F 115 14.31 -5.27 -14.45
CA ASN F 115 13.06 -5.93 -14.08
C ASN F 115 11.90 -4.95 -14.01
N ILE F 116 12.15 -3.73 -13.52
CA ILE F 116 11.11 -2.69 -13.56
C ILE F 116 10.70 -2.40 -15.01
N ALA F 117 11.67 -2.32 -15.92
CA ALA F 117 11.36 -2.10 -17.33
C ALA F 117 10.48 -3.21 -17.89
N HIS F 118 10.74 -4.46 -17.50
CA HIS F 118 9.91 -5.60 -17.87
C HIS F 118 9.60 -5.57 -19.36
N PRO F 119 10.62 -5.55 -20.23
CA PRO F 119 10.40 -5.10 -21.62
C PRO F 119 9.57 -6.04 -22.47
N PHE F 120 9.43 -7.32 -22.10
CA PHE F 120 8.71 -8.28 -22.92
C PHE F 120 7.32 -8.56 -22.36
N ARG F 121 6.46 -9.08 -23.23
CA ARG F 121 5.11 -9.40 -22.78
C ARG F 121 5.13 -10.51 -21.73
N GLU F 122 6.01 -11.49 -21.90
CA GLU F 122 6.19 -12.58 -20.95
C GLU F 122 7.64 -13.03 -21.08
N GLY F 123 8.08 -13.87 -20.13
CA GLY F 123 9.44 -14.37 -20.18
C GLY F 123 10.51 -13.43 -19.67
N ASN F 124 10.12 -12.35 -18.96
CA ASN F 124 11.11 -11.43 -18.41
C ASN F 124 11.94 -12.07 -17.30
N GLY F 125 11.28 -12.83 -16.40
CA GLY F 125 12.00 -13.47 -15.32
C GLY F 125 13.15 -14.34 -15.80
N ARG F 126 12.82 -15.34 -16.60
CA ARG F 126 13.82 -16.33 -17.01
C ARG F 126 14.88 -15.72 -17.92
N ALA F 127 14.49 -14.87 -18.86
CA ALA F 127 15.47 -14.29 -19.77
C ALA F 127 16.43 -13.35 -19.04
N THR F 128 15.92 -12.58 -18.07
CA THR F 128 16.76 -11.57 -17.45
C THR F 128 17.71 -12.18 -16.42
N ARG F 129 17.39 -13.36 -15.88
CA ARG F 129 18.33 -13.99 -14.94
C ARG F 129 19.56 -14.54 -15.67
N ILE F 130 19.36 -15.11 -16.87
CA ILE F 130 20.50 -15.52 -17.70
C ILE F 130 21.37 -14.32 -18.04
N TRP F 131 20.73 -13.23 -18.49
CA TRP F 131 21.41 -11.95 -18.71
C TRP F 131 22.22 -11.50 -17.49
N LEU F 132 21.60 -11.55 -16.30
CA LEU F 132 22.28 -11.18 -15.07
C LEU F 132 23.55 -11.99 -14.85
N ASP F 133 23.46 -13.31 -15.02
CA ASP F 133 24.62 -14.16 -14.78
C ASP F 133 25.80 -13.77 -15.68
N LEU F 134 25.53 -13.42 -16.94
CA LEU F 134 26.62 -13.04 -17.83
C LEU F 134 27.29 -11.75 -17.40
N ILE F 135 26.53 -10.80 -16.83
CA ILE F 135 27.12 -9.57 -16.29
C ILE F 135 28.02 -9.92 -15.12
N LEU F 136 27.48 -10.67 -14.16
CA LEU F 136 28.24 -11.09 -13.00
C LEU F 136 29.52 -11.84 -13.42
N LYS F 137 29.41 -12.70 -14.43
CA LYS F 137 30.57 -13.48 -14.88
C LYS F 137 31.65 -12.57 -15.46
N LYS F 138 31.27 -11.67 -16.34
CA LYS F 138 32.23 -10.75 -16.94
C LYS F 138 32.88 -9.84 -15.90
N GLU F 139 32.10 -9.31 -14.97
CA GLU F 139 32.58 -8.21 -14.15
C GLU F 139 33.13 -8.66 -12.81
N LEU F 140 32.62 -9.75 -12.27
CA LEU F 140 33.04 -10.21 -10.95
C LEU F 140 33.61 -11.62 -10.98
N LYS F 141 33.61 -12.28 -12.14
CA LYS F 141 34.03 -13.66 -12.26
C LYS F 141 33.26 -14.54 -11.29
N ARG F 142 31.95 -14.26 -11.18
CA ARG F 142 31.01 -15.02 -10.37
C ARG F 142 29.73 -15.22 -11.17
N VAL F 143 28.98 -16.26 -10.83
CA VAL F 143 27.60 -16.43 -11.29
C VAL F 143 26.75 -16.80 -10.09
N VAL F 144 25.44 -16.72 -10.25
CA VAL F 144 24.53 -17.09 -9.16
C VAL F 144 24.33 -18.60 -9.20
N ASP F 145 24.46 -19.25 -8.03
CA ASP F 145 23.96 -20.62 -7.86
C ASP F 145 22.50 -20.51 -7.42
N TRP F 146 21.57 -20.59 -8.37
CA TRP F 146 20.17 -20.31 -8.04
C TRP F 146 19.58 -21.33 -7.09
N ASN F 147 20.19 -22.51 -6.97
CA ASN F 147 19.68 -23.47 -5.99
C ASN F 147 19.85 -22.98 -4.56
N LEU F 148 20.72 -22.01 -4.30
CA LEU F 148 20.86 -21.45 -2.96
C LEU F 148 19.93 -20.25 -2.71
N ILE F 149 18.95 -20.01 -3.59
CA ILE F 149 17.97 -18.94 -3.39
C ILE F 149 16.59 -19.58 -3.45
N ASN F 150 15.88 -19.53 -2.33
CA ASN F 150 14.53 -20.07 -2.24
C ASN F 150 13.57 -19.30 -3.14
N LYS F 151 12.61 -20.03 -3.72
CA LYS F 151 11.63 -19.44 -4.64
C LYS F 151 10.85 -18.30 -3.99
N GLU F 152 10.26 -18.54 -2.83
CA GLU F 152 9.41 -17.52 -2.22
C GLU F 152 10.25 -16.35 -1.69
N ASP F 153 11.47 -16.63 -1.19
CA ASP F 153 12.40 -15.56 -0.87
C ASP F 153 12.69 -14.71 -2.10
N TYR F 154 13.01 -15.38 -3.22
CA TYR F 154 13.34 -14.66 -4.45
C TYR F 154 12.19 -13.78 -4.92
N LEU F 155 10.99 -14.37 -5.04
CA LEU F 155 9.86 -13.61 -5.55
C LEU F 155 9.54 -12.43 -4.63
N SER F 156 9.55 -12.64 -3.31
CA SER F 156 9.27 -11.53 -2.41
C SER F 156 10.32 -10.42 -2.55
N ALA F 157 11.59 -10.81 -2.68
CA ALA F 157 12.68 -9.85 -2.83
C ALA F 157 12.52 -9.03 -4.11
N MET F 158 12.05 -9.65 -5.19
CA MET F 158 11.79 -8.89 -6.41
C MET F 158 10.61 -7.93 -6.23
N GLU F 159 9.55 -8.38 -5.54
CA GLU F 159 8.43 -7.50 -5.23
C GLU F 159 8.89 -6.30 -4.41
N ARG F 160 9.80 -6.53 -3.47
CA ARG F 160 10.38 -5.46 -2.65
C ARG F 160 11.27 -4.52 -3.46
N SER F 161 11.95 -5.02 -4.50
CA SER F 161 13.12 -4.33 -5.04
C SER F 161 12.91 -2.94 -5.66
N PRO F 162 11.74 -2.56 -6.23
CA PRO F 162 11.64 -1.17 -6.72
C PRO F 162 11.73 -0.15 -5.59
N VAL F 163 11.38 -0.53 -4.38
CA VAL F 163 11.52 0.38 -3.24
C VAL F 163 12.91 0.30 -2.63
N LYS F 164 13.38 -0.92 -2.33
CA LYS F 164 14.73 -1.15 -1.81
C LYS F 164 15.25 -2.49 -2.33
N ASP F 165 16.46 -2.48 -2.89
CA ASP F 165 17.03 -3.70 -3.47
C ASP F 165 17.89 -4.48 -2.48
N LEU F 166 17.74 -4.20 -1.19
CA LEU F 166 18.57 -4.86 -0.19
C LEU F 166 18.27 -6.35 -0.11
N GLU F 167 16.99 -6.73 -0.14
CA GLU F 167 16.60 -8.13 -0.09
C GLU F 167 17.25 -8.94 -1.20
N ILE F 168 17.04 -8.53 -2.46
CA ILE F 168 17.57 -9.33 -3.57
C ILE F 168 19.11 -9.29 -3.60
N LYS F 169 19.72 -8.16 -3.21
CA LYS F 169 21.18 -8.11 -3.16
C LYS F 169 21.74 -9.12 -2.16
N TYR F 170 21.13 -9.24 -0.99
CA TYR F 170 21.61 -10.24 -0.03
C TYR F 170 21.48 -11.64 -0.60
N LEU F 171 20.36 -11.94 -1.26
CA LEU F 171 20.16 -13.28 -1.79
C LEU F 171 21.16 -13.60 -2.90
N ILE F 172 21.41 -12.63 -3.79
CA ILE F 172 22.39 -12.84 -4.85
C ILE F 172 23.80 -12.97 -4.25
N SER F 173 24.17 -12.07 -3.34
CA SER F 173 25.51 -12.06 -2.79
C SER F 173 25.84 -13.39 -2.10
N ASN F 174 24.93 -13.90 -1.29
CA ASN F 174 25.25 -15.15 -0.61
C ASN F 174 25.19 -16.37 -1.52
N ALA F 175 24.64 -16.25 -2.71
CA ALA F 175 24.57 -17.38 -3.63
C ALA F 175 25.64 -17.33 -4.73
N LEU F 176 26.51 -16.32 -4.74
CA LEU F 176 27.52 -16.23 -5.78
C LEU F 176 28.51 -17.39 -5.69
N THR F 177 28.97 -17.87 -6.84
CA THR F 177 30.02 -18.89 -6.92
C THR F 177 31.04 -18.52 -7.97
N ASP F 178 32.29 -18.98 -7.79
CA ASP F 178 33.32 -18.72 -8.78
C ASP F 178 33.35 -19.78 -9.87
N LYS F 179 32.43 -20.75 -9.85
CA LYS F 179 32.38 -21.79 -10.86
C LYS F 179 31.61 -21.29 -12.08
N ILE F 180 32.21 -20.30 -12.75
CA ILE F 180 31.56 -19.58 -13.84
C ILE F 180 31.51 -20.34 -15.16
N ASN F 181 32.17 -21.50 -15.27
CA ASN F 181 32.10 -22.33 -16.47
C ASN F 181 31.63 -23.74 -16.15
N ASP F 182 30.92 -23.90 -15.04
CA ASP F 182 30.46 -25.19 -14.54
C ASP F 182 29.09 -25.50 -15.13
N ARG F 183 29.00 -26.57 -15.92
CA ARG F 183 27.77 -26.85 -16.64
C ARG F 183 26.61 -27.17 -15.70
N GLU F 184 26.87 -27.84 -14.58
CA GLU F 184 25.76 -28.22 -13.72
C GLU F 184 25.17 -27.00 -13.00
N ILE F 185 26.02 -26.05 -12.60
CA ILE F 185 25.53 -24.80 -12.05
C ILE F 185 24.55 -24.14 -13.03
N PHE F 186 24.92 -24.08 -14.30
CA PHE F 186 24.07 -23.43 -15.28
C PHE F 186 22.79 -24.22 -15.50
N MET F 187 22.92 -25.53 -15.72
CA MET F 187 21.77 -26.37 -16.04
C MET F 187 20.81 -26.47 -14.87
N LYS F 188 21.32 -26.72 -13.67
CA LYS F 188 20.43 -26.74 -12.51
C LYS F 188 19.86 -25.34 -12.24
N GLY F 189 20.64 -24.30 -12.56
CA GLY F 189 20.12 -22.94 -12.45
C GLY F 189 18.96 -22.68 -13.39
N ILE F 190 19.01 -23.24 -14.60
CA ILE F 190 17.88 -23.12 -15.53
C ILE F 190 16.64 -23.81 -14.96
N ASP F 191 16.81 -25.01 -14.39
CA ASP F 191 15.64 -25.70 -13.83
C ASP F 191 15.04 -24.93 -12.65
N ILE F 192 15.89 -24.41 -11.77
CA ILE F 192 15.43 -23.61 -10.63
C ILE F 192 14.74 -22.33 -11.12
N SER F 193 15.32 -21.69 -12.14
CA SER F 193 14.78 -20.44 -12.65
C SER F 193 13.38 -20.64 -13.23
N TYR F 194 13.18 -21.73 -13.97
CA TYR F 194 11.84 -22.07 -14.48
C TYR F 194 10.88 -22.42 -13.34
N TYR F 195 11.36 -23.19 -12.34
CA TYR F 195 10.54 -23.50 -11.17
C TYR F 195 10.06 -22.24 -10.45
N TYR F 196 10.88 -21.18 -10.41
CA TYR F 196 10.42 -19.92 -9.84
C TYR F 196 9.13 -19.44 -10.50
N GLU F 197 8.96 -19.73 -11.80
CA GLU F 197 7.88 -19.17 -12.60
C GLU F 197 6.74 -20.16 -12.81
N GLY F 198 6.75 -21.31 -12.15
CA GLY F 198 5.64 -22.25 -12.26
C GLY F 198 5.77 -23.29 -13.36
N TYR F 199 6.99 -23.61 -13.79
CA TYR F 199 7.25 -24.67 -14.75
C TYR F 199 8.15 -25.71 -14.08
N THR F 200 7.64 -26.94 -13.88
CA THR F 200 8.39 -27.94 -13.13
C THR F 200 8.46 -29.33 -13.76
N GLU F 201 8.06 -29.52 -15.01
CA GLU F 201 7.93 -30.90 -15.49
C GLU F 201 9.27 -31.54 -15.85
N TYR F 202 10.20 -30.78 -16.44
CA TYR F 202 11.38 -31.36 -17.09
C TYR F 202 12.68 -30.93 -16.44
N ASN F 203 13.73 -31.72 -16.66
CA ASN F 203 15.10 -31.32 -16.35
C ASN F 203 15.80 -30.94 -17.64
N VAL F 204 16.40 -29.75 -17.68
CA VAL F 204 16.97 -29.29 -18.94
C VAL F 204 18.07 -30.24 -19.41
N ASP F 205 18.78 -30.89 -18.46
CA ASP F 205 19.82 -31.88 -18.79
C ASP F 205 19.32 -32.96 -19.73
N GLU F 206 18.07 -33.39 -19.54
CA GLU F 206 17.55 -34.59 -20.15
C GLU F 206 16.84 -34.35 -21.47
N LEU F 207 16.85 -33.11 -21.97
CA LEU F 207 16.20 -32.81 -23.23
C LEU F 207 17.27 -32.73 -24.33
#